data_7XKF
#
_entry.id   7XKF
#
loop_
_entity.id
_entity.type
_entity.pdbx_description
1 polymer 'Guanine nucleotide-binding protein G(s) subunit alpha isoforms short'
2 polymer 'Guanine nucleotide-binding protein G(I)/G(S)/G(T) subunit beta-1'
3 polymer 'Guanine nucleotide-binding protein G(I)/G(S)/G(O) subunit gamma-2'
4 polymer NB35
5 polymer 'Adhesion G-protein coupled receptor G2'
6 non-polymer 3-BETA-HYDROXY-5-ANDROSTEN-17-ONE
#
loop_
_entity_poly.entity_id
_entity_poly.type
_entity_poly.pdbx_seq_one_letter_code
_entity_poly.pdbx_strand_id
1 'polypeptide(L)'
;MGCLGNSKTEDQRNEEKAQREANKKIEKQLQKDKQVYRATHRLLLLGAGESGKNTIVKQMRILHVNGFNGEGGEEDPQAA
RSNSDGEKATKVQDIKNNLKEAIETIVAAMSNLVPPVELANPENQFRVDYILSVMNVPDFDFPPEFYEHAKALWEDEGVR
ACYERSNEYQLIDCAQYFLDKIDVIKQADYVPSDQDLLRCRVLTSGIFETKFQVDKVNFHMFDVGAQRDERRKWIQCFND
VTAIIFVVASSSYNMVIREDNQTNRLQAALKLFDSIWNNKWLRDTSVILFLNKQDLLAEKVLAGKSKIEDYFPEFARYTT
PEDATPEPGEDPRVTRAKYFIRDEFLRISTASGDGRHYCYPHFTCAVDTENIRRVFNDCRDIIQRMHLRQYELL
;
A
2 'polypeptide(L)'
;MHHHHHHLEVLFQGPGSSQSELDQLRQEAEQLKNQIRDARKACADATLSQITNNIDPVGRIQMRTRRTLRGHLAKIYAMH
WGTDSRLLVSASQDGKLIIWDSYTTNKVHAIPLRSSWVMTCAYAPSGNYVACGGLDNICSIYNLKTREGNVRVSRELAGH
TGYLSCCRFLDDNQIVTSSGDTTCALWDIETGQQTTTFTGHTGDVMSLSLAPDTRLFVSGACDASAKLWDVREGMCRQTF
TGHESDINAICFFPNGNAFATGSDDATCRLFDLRADQELMTYSHDNIICGITSVSFSKSGRLLLAGYDDFNCNVWDALKA
DRAGVLAGHDNRVSCLGVTDDGMAVATGSWDSFLKIWN
;
B
3 'polypeptide(L)' NTASIAQARKLVEQLKMEANIDRIKVSKAAADLMAYCEAHAKEDPLLTPVPASENPFR G
4 'polypeptide(L)'
;QVQLQESGGGLVQPGGSLRLSCAASGFTFSNYKMNWVRQAPGKGLEWVSDISQSGASISYTGSVKGRFTISRDNAKNTLY
LQMNSLKPEDTAVYYCARCPAPFTRDCFDVTSTTYAYRGQGTQVTVSS
;
N
5 'polypeptide(L)'
;PSQMMALTFITYIGCGLSSIFLSVTLVTYIAFEKIRRDYPSKILIQLCAALLLLNLIFLLDSWIALYNTRGFCIAVAVFL
HYFLLVSFTWMGLEAFHMYLALVKVFNTYIRKYILKFCIVGWGIPAVVVSIVLTISPDNYGIGSYGKFPNGTPDDFCWIN
SNVVFYITVVGYFCVIFLLNVSMFIVVLVQLCRIKKKKQLGAQRKTSIQDLRSIAGLTFLLGITWGFAFFAWGPVNVTFM
YLFAIFNTLQGFFIFIFYCAAKENVRKQWRRYLCCGKLFWFPEKGAILTDTSVKRNDLSIISG
;
R
#
loop_
_chem_comp.id
_chem_comp.type
_chem_comp.name
_chem_comp.formula
AND non-polymer 3-BETA-HYDROXY-5-ANDROSTEN-17-ONE 'C19 H28 O2'
#
# COMPACT_ATOMS: atom_id res chain seq x y z
N GLU A 10 -13.87 45.07 7.88
CA GLU A 10 -14.71 43.89 8.11
C GLU A 10 -13.90 42.76 8.72
N ASP A 11 -14.55 41.96 9.57
CA ASP A 11 -13.87 40.85 10.22
C ASP A 11 -13.57 39.71 9.24
N GLN A 12 -14.51 39.41 8.35
CA GLN A 12 -14.39 38.18 7.57
C GLN A 12 -13.24 38.24 6.56
N ARG A 13 -13.13 39.32 5.81
CA ARG A 13 -11.96 39.46 4.93
C ARG A 13 -10.67 39.51 5.72
N ASN A 14 -10.69 40.13 6.90
CA ASN A 14 -9.48 40.18 7.71
C ASN A 14 -9.01 38.79 8.11
N GLU A 15 -9.92 37.95 8.63
CA GLU A 15 -9.50 36.63 9.08
C GLU A 15 -9.19 35.73 7.90
N GLU A 16 -9.89 35.92 6.77
CA GLU A 16 -9.55 35.16 5.58
C GLU A 16 -8.14 35.48 5.09
N LYS A 17 -7.77 36.77 5.12
CA LYS A 17 -6.42 37.16 4.74
C LYS A 17 -5.38 36.58 5.68
N ALA A 18 -5.66 36.63 6.99
CA ALA A 18 -4.72 36.06 7.96
C ALA A 18 -4.56 34.56 7.74
N GLN A 19 -5.67 33.85 7.52
CA GLN A 19 -5.60 32.42 7.27
C GLN A 19 -4.85 32.11 5.99
N ARG A 20 -5.05 32.92 4.95
CA ARG A 20 -4.35 32.71 3.69
C ARG A 20 -2.85 32.90 3.83
N GLU A 21 -2.42 33.93 4.58
CA GLU A 21 -0.99 34.13 4.76
C GLU A 21 -0.38 33.03 5.63
N ALA A 22 -1.12 32.56 6.63
CA ALA A 22 -0.64 31.42 7.40
C ALA A 22 -0.50 30.18 6.53
N ASN A 23 -1.46 29.97 5.64
CA ASN A 23 -1.38 28.85 4.70
C ASN A 23 -0.15 28.98 3.79
N LYS A 24 0.14 30.20 3.33
CA LYS A 24 1.31 30.39 2.48
C LYS A 24 2.60 30.07 3.23
N LYS A 25 2.70 30.52 4.48
CA LYS A 25 3.88 30.21 5.28
C LYS A 25 4.03 28.70 5.47
N ILE A 26 2.93 28.02 5.76
CA ILE A 26 2.98 26.58 5.96
C ILE A 26 3.33 25.87 4.65
N GLU A 27 2.85 26.39 3.53
CA GLU A 27 3.21 25.81 2.24
C GLU A 27 4.70 25.93 1.98
N LYS A 28 5.30 27.07 2.31
CA LYS A 28 6.74 27.21 2.17
C LYS A 28 7.48 26.18 3.02
N GLN A 29 7.10 26.08 4.29
CA GLN A 29 7.75 25.10 5.16
C GLN A 29 7.55 23.68 4.65
N LEU A 30 6.38 23.41 4.07
CA LEU A 30 6.07 22.06 3.63
C LEU A 30 6.86 21.67 2.39
N GLN A 31 7.06 22.61 1.46
CA GLN A 31 7.91 22.31 0.31
C GLN A 31 9.35 22.14 0.75
N LYS A 32 9.78 22.93 1.75
CA LYS A 32 11.12 22.72 2.30
C LYS A 32 11.26 21.34 2.90
N ASP A 33 10.23 20.84 3.58
CA ASP A 33 10.27 19.50 4.14
C ASP A 33 10.21 18.43 3.05
N LYS A 34 9.47 18.70 1.99
CA LYS A 34 9.36 17.74 0.89
C LYS A 34 10.71 17.53 0.22
N GLN A 35 11.48 18.61 0.07
CA GLN A 35 12.81 18.49 -0.51
C GLN A 35 13.66 17.51 0.28
N VAL A 36 13.59 17.57 1.62
CA VAL A 36 14.36 16.66 2.45
C VAL A 36 13.80 15.24 2.36
N TYR A 37 12.48 15.11 2.37
CA TYR A 37 11.86 13.79 2.41
C TYR A 37 12.15 13.00 1.15
N ARG A 38 12.19 13.68 0.00
CA ARG A 38 12.35 12.96 -1.27
C ARG A 38 13.69 12.23 -1.35
N ALA A 39 14.76 12.85 -0.90
CA ALA A 39 16.10 12.27 -1.00
C ALA A 39 16.52 11.60 0.31
N THR A 40 15.81 10.54 0.69
CA THR A 40 16.16 9.83 1.92
C THR A 40 16.37 8.33 1.73
N HIS A 41 15.51 7.65 0.98
CA HIS A 41 15.64 6.22 0.70
C HIS A 41 15.63 5.40 1.99
N ARG A 42 14.46 5.39 2.62
CA ARG A 42 14.25 4.59 3.82
C ARG A 42 14.35 3.10 3.53
N LEU A 43 14.91 2.35 4.48
CA LEU A 43 15.01 0.90 4.40
C LEU A 43 14.48 0.28 5.67
N LEU A 44 14.00 -0.96 5.58
CA LEU A 44 13.51 -1.69 6.74
C LEU A 44 14.45 -2.87 7.00
N LEU A 45 15.15 -2.85 8.13
CA LEU A 45 16.08 -3.91 8.49
C LEU A 45 15.32 -4.97 9.28
N LEU A 46 15.05 -6.10 8.63
CA LEU A 46 14.29 -7.18 9.24
C LEU A 46 15.20 -8.38 9.45
N GLY A 47 14.99 -9.09 10.55
CA GLY A 47 15.75 -10.27 10.87
C GLY A 47 14.84 -11.41 11.28
N ALA A 48 15.23 -12.63 10.94
CA ALA A 48 14.42 -13.80 11.28
C ALA A 48 14.28 -13.96 12.79
N GLY A 49 15.38 -13.74 13.53
CA GLY A 49 15.36 -13.84 14.96
C GLY A 49 16.43 -12.97 15.57
N GLU A 50 16.50 -12.99 16.91
CA GLU A 50 17.52 -12.23 17.61
C GLU A 50 18.92 -12.82 17.41
N SER A 51 19.01 -14.09 17.03
CA SER A 51 20.32 -14.72 16.81
C SER A 51 21.03 -14.10 15.62
N GLY A 52 20.28 -13.75 14.58
CA GLY A 52 20.85 -13.05 13.43
C GLY A 52 21.51 -11.76 13.85
N LYS A 53 22.71 -11.49 13.33
CA LYS A 53 23.48 -10.33 13.76
C LYS A 53 23.10 -9.11 12.93
N ASN A 54 21.86 -8.65 13.16
CA ASN A 54 21.39 -7.45 12.50
C ASN A 54 22.20 -6.22 12.92
N THR A 55 22.55 -6.14 14.20
CA THR A 55 23.16 -4.93 14.74
C THR A 55 24.49 -4.62 14.05
N ILE A 56 25.31 -5.64 13.83
CA ILE A 56 26.63 -5.39 13.26
C ILE A 56 26.59 -5.24 11.75
N VAL A 57 25.48 -5.60 11.10
CA VAL A 57 25.37 -5.40 9.66
C VAL A 57 25.45 -3.92 9.32
N LYS A 58 24.70 -3.10 10.04
CA LYS A 58 24.72 -1.65 9.87
C LYS A 58 24.42 -1.23 8.44
N SER A 205 12.74 3.23 22.39
CA SER A 205 12.25 1.89 22.14
C SER A 205 11.18 1.90 21.06
N GLY A 206 10.70 0.71 20.69
CA GLY A 206 9.69 0.61 19.65
C GLY A 206 10.29 0.55 18.26
N ILE A 207 11.07 1.56 17.90
CA ILE A 207 11.73 1.62 16.60
C ILE A 207 13.09 2.27 16.80
N PHE A 208 14.08 1.84 16.02
CA PHE A 208 15.43 2.38 16.08
C PHE A 208 15.81 2.91 14.71
N GLU A 209 16.42 4.10 14.69
CA GLU A 209 16.79 4.79 13.47
C GLU A 209 18.29 4.75 13.29
N THR A 210 18.73 4.54 12.05
CA THR A 210 20.14 4.64 11.71
C THR A 210 20.28 5.45 10.44
N LYS A 211 21.05 6.53 10.49
CA LYS A 211 21.29 7.39 9.35
C LYS A 211 22.69 7.11 8.83
N PHE A 212 22.82 6.80 7.55
CA PHE A 212 24.15 6.65 6.98
C PHE A 212 24.18 7.13 5.55
N GLN A 213 25.31 7.70 5.16
CA GLN A 213 25.49 8.31 3.85
C GLN A 213 26.48 7.49 3.04
N VAL A 214 26.09 7.13 1.82
CA VAL A 214 26.95 6.43 0.88
C VAL A 214 27.02 7.26 -0.39
N ASP A 215 28.22 7.73 -0.72
CA ASP A 215 28.45 8.56 -1.92
C ASP A 215 27.50 9.75 -1.95
N LYS A 216 27.41 10.43 -0.80
CA LYS A 216 26.54 11.60 -0.63
C LYS A 216 25.08 11.26 -0.90
N VAL A 217 24.70 10.02 -0.63
CA VAL A 217 23.31 9.58 -0.73
C VAL A 217 22.86 9.17 0.67
N ASN A 218 21.80 9.81 1.16
CA ASN A 218 21.32 9.50 2.50
C ASN A 218 20.57 8.19 2.51
N PHE A 219 20.61 7.51 3.65
CA PHE A 219 19.91 6.25 3.83
C PHE A 219 19.42 6.16 5.27
N HIS A 220 18.16 5.80 5.42
CA HIS A 220 17.53 5.61 6.72
C HIS A 220 17.21 4.14 6.91
N MET A 221 17.75 3.54 7.96
CA MET A 221 17.51 2.14 8.26
C MET A 221 16.73 2.06 9.55
N PHE A 222 15.59 1.38 9.51
CA PHE A 222 14.69 1.28 10.64
C PHE A 222 14.71 -0.15 11.15
N ASP A 223 15.05 -0.32 12.43
CA ASP A 223 15.12 -1.63 13.06
C ASP A 223 14.00 -1.71 14.09
N VAL A 224 13.20 -2.75 14.02
CA VAL A 224 12.07 -2.90 14.92
C VAL A 224 12.57 -3.36 16.29
N GLY A 225 12.16 -2.65 17.33
CA GLY A 225 12.59 -2.96 18.67
C GLY A 225 11.51 -3.54 19.56
N ALA A 226 10.96 -2.71 20.44
CA ALA A 226 9.99 -3.16 21.44
C ALA A 226 8.64 -3.37 20.76
N GLN A 227 8.53 -4.46 20.01
CA GLN A 227 7.29 -4.86 19.39
C GLN A 227 7.09 -6.35 19.60
N ARG A 228 5.84 -6.79 19.57
CA ARG A 228 5.53 -8.19 19.77
C ARG A 228 5.93 -9.00 18.53
N ASP A 229 5.99 -10.32 18.69
CA ASP A 229 6.42 -11.19 17.61
C ASP A 229 5.41 -11.22 16.46
N GLU A 230 4.16 -10.84 16.70
CA GLU A 230 3.15 -10.81 15.66
C GLU A 230 3.35 -9.54 14.82
N ARG A 231 3.90 -9.71 13.62
CA ARG A 231 4.19 -8.60 12.72
C ARG A 231 3.14 -8.45 11.64
N ARG A 232 1.99 -9.08 11.81
CA ARG A 232 0.96 -9.06 10.78
C ARG A 232 0.49 -7.64 10.48
N LYS A 233 0.34 -6.83 11.52
CA LYS A 233 -0.28 -5.51 11.36
C LYS A 233 0.74 -4.42 11.03
N TRP A 234 1.80 -4.29 11.84
CA TRP A 234 2.67 -3.15 11.69
C TRP A 234 3.59 -3.24 10.47
N ILE A 235 3.79 -4.44 9.93
CA ILE A 235 4.63 -4.56 8.73
C ILE A 235 4.03 -3.78 7.57
N GLN A 236 2.71 -3.59 7.57
CA GLN A 236 2.08 -2.82 6.52
C GLN A 236 2.54 -1.37 6.50
N CYS A 237 3.11 -0.88 7.61
CA CYS A 237 3.64 0.48 7.61
C CYS A 237 4.88 0.62 6.73
N PHE A 238 5.46 -0.48 6.26
CA PHE A 238 6.72 -0.45 5.54
C PHE A 238 6.57 -0.84 4.07
N ASN A 239 5.37 -0.64 3.51
CA ASN A 239 5.16 -0.97 2.11
C ASN A 239 5.79 0.03 1.16
N ASP A 240 6.10 1.24 1.64
CA ASP A 240 6.67 2.29 0.81
C ASP A 240 8.18 2.43 0.95
N VAL A 241 8.83 1.56 1.73
CA VAL A 241 10.28 1.67 1.88
C VAL A 241 10.96 1.24 0.59
N THR A 242 12.19 1.72 0.41
CA THR A 242 12.95 1.36 -0.79
C THR A 242 13.25 -0.13 -0.83
N ALA A 243 13.65 -0.70 0.31
CA ALA A 243 13.99 -2.11 0.35
C ALA A 243 13.82 -2.66 1.75
N ILE A 244 13.65 -3.98 1.81
CA ILE A 244 13.62 -4.73 3.06
C ILE A 244 14.91 -5.53 3.13
N ILE A 245 15.79 -5.17 4.04
CA ILE A 245 17.05 -5.88 4.24
C ILE A 245 16.76 -7.06 5.17
N PHE A 246 16.61 -8.24 4.59
CA PHE A 246 16.27 -9.45 5.33
C PHE A 246 17.55 -10.19 5.67
N VAL A 247 17.89 -10.25 6.95
CA VAL A 247 19.11 -10.90 7.41
C VAL A 247 18.78 -12.29 7.93
N VAL A 248 19.50 -13.30 7.47
CA VAL A 248 19.25 -14.68 7.83
C VAL A 248 20.56 -15.31 8.30
N ALA A 249 20.54 -15.93 9.47
CA ALA A 249 21.70 -16.67 9.95
C ALA A 249 21.72 -18.04 9.28
N SER A 250 22.68 -18.23 8.38
CA SER A 250 22.80 -19.49 7.63
C SER A 250 23.48 -20.61 8.41
N SER A 251 23.57 -20.44 9.71
CA SER A 251 24.20 -21.45 10.56
C SER A 251 23.11 -22.23 11.31
N THR A 263 15.66 -25.42 17.46
CA THR A 263 14.69 -25.54 16.37
C THR A 263 15.31 -25.15 15.03
N ASN A 264 14.64 -25.52 13.95
CA ASN A 264 15.12 -25.20 12.61
C ASN A 264 14.90 -23.72 12.33
N ARG A 265 15.91 -22.89 12.63
CA ARG A 265 15.78 -21.46 12.40
C ARG A 265 15.75 -21.12 10.92
N LEU A 266 16.43 -21.91 10.09
CA LEU A 266 16.42 -21.67 8.66
C LEU A 266 15.02 -21.81 8.07
N GLN A 267 14.27 -22.82 8.52
CA GLN A 267 12.90 -22.99 8.04
C GLN A 267 12.02 -21.84 8.47
N ALA A 268 12.20 -21.34 9.70
CA ALA A 268 11.45 -20.18 10.15
C ALA A 268 11.77 -18.96 9.31
N ALA A 269 13.05 -18.75 9.00
CA ALA A 269 13.43 -17.64 8.15
C ALA A 269 12.82 -17.76 6.76
N LEU A 270 12.79 -18.98 6.21
CA LEU A 270 12.19 -19.19 4.91
C LEU A 270 10.70 -18.89 4.93
N LYS A 271 10.01 -19.33 5.98
CA LYS A 271 8.58 -19.05 6.09
C LYS A 271 8.32 -17.56 6.21
N LEU A 272 9.13 -16.85 7.01
CA LEU A 272 8.97 -15.41 7.14
C LEU A 272 9.22 -14.71 5.81
N PHE A 273 10.25 -15.14 5.08
CA PHE A 273 10.54 -14.55 3.78
C PHE A 273 9.39 -14.79 2.81
N ASP A 274 8.81 -15.99 2.83
CA ASP A 274 7.68 -16.28 1.96
C ASP A 274 6.49 -15.40 2.30
N SER A 275 6.20 -15.23 3.59
CA SER A 275 5.09 -14.39 3.99
C SER A 275 5.31 -12.94 3.57
N ILE A 276 6.54 -12.44 3.72
CA ILE A 276 6.84 -11.07 3.30
C ILE A 276 6.69 -10.93 1.79
N TRP A 277 7.23 -11.91 1.04
CA TRP A 277 7.20 -11.84 -0.42
C TRP A 277 5.78 -11.88 -0.95
N ASN A 278 4.93 -12.72 -0.38
CA ASN A 278 3.58 -12.92 -0.90
C ASN A 278 2.55 -12.01 -0.27
N ASN A 279 2.96 -11.06 0.56
CA ASN A 279 2.00 -10.13 1.16
C ASN A 279 1.41 -9.21 0.10
N LYS A 280 0.12 -8.89 0.26
CA LYS A 280 -0.56 -8.06 -0.74
C LYS A 280 -0.01 -6.64 -0.77
N TRP A 281 0.31 -6.08 0.39
CA TRP A 281 0.79 -4.71 0.46
C TRP A 281 2.29 -4.58 0.23
N LEU A 282 3.04 -5.67 0.37
CA LEU A 282 4.47 -5.68 0.11
C LEU A 282 4.81 -6.28 -1.23
N ARG A 283 3.83 -6.47 -2.11
CA ARG A 283 4.05 -7.07 -3.41
C ARG A 283 4.92 -6.22 -4.31
N ASP A 284 5.09 -4.93 -3.99
CA ASP A 284 5.90 -4.03 -4.80
C ASP A 284 7.21 -3.64 -4.10
N THR A 285 7.54 -4.29 -3.00
CA THR A 285 8.73 -3.96 -2.22
C THR A 285 9.80 -5.01 -2.47
N SER A 286 11.01 -4.55 -2.74
CA SER A 286 12.12 -5.44 -3.05
C SER A 286 12.84 -5.84 -1.77
N VAL A 287 13.49 -7.00 -1.81
CA VAL A 287 14.14 -7.60 -0.66
C VAL A 287 15.61 -7.76 -0.96
N ILE A 288 16.46 -7.24 -0.08
CA ILE A 288 17.90 -7.46 -0.12
C ILE A 288 18.20 -8.53 0.92
N LEU A 289 18.55 -9.73 0.45
CA LEU A 289 18.74 -10.87 1.33
C LEU A 289 20.20 -10.99 1.70
N PHE A 290 20.48 -11.03 3.00
CA PHE A 290 21.83 -11.20 3.52
C PHE A 290 21.93 -12.52 4.23
N LEU A 291 22.97 -13.28 3.94
CA LEU A 291 23.20 -14.60 4.53
C LEU A 291 24.40 -14.50 5.45
N ASN A 292 24.15 -14.30 6.74
CA ASN A 292 25.20 -14.16 7.74
C ASN A 292 25.76 -15.53 8.13
N LYS A 293 26.64 -15.52 9.13
CA LYS A 293 27.19 -16.74 9.72
C LYS A 293 27.85 -17.63 8.67
N GLN A 294 28.52 -17.02 7.71
CA GLN A 294 29.21 -17.79 6.69
C GLN A 294 30.34 -18.62 7.29
N ASP A 295 31.11 -18.03 8.20
CA ASP A 295 32.17 -18.77 8.88
C ASP A 295 31.59 -19.89 9.74
N LEU A 296 30.50 -19.61 10.45
CA LEU A 296 29.86 -20.64 11.26
C LEU A 296 29.33 -21.77 10.38
N LEU A 297 28.74 -21.41 9.23
CA LEU A 297 28.26 -22.43 8.31
C LEU A 297 29.41 -23.28 7.79
N ALA A 298 30.55 -22.65 7.48
CA ALA A 298 31.72 -23.40 7.03
C ALA A 298 32.21 -24.34 8.11
N GLU A 299 32.28 -23.87 9.36
CA GLU A 299 32.73 -24.72 10.45
C GLU A 299 31.79 -25.91 10.65
N LYS A 300 30.47 -25.68 10.56
CA LYS A 300 29.53 -26.77 10.72
C LYS A 300 29.63 -27.76 9.57
N VAL A 301 29.83 -27.27 8.33
CA VAL A 301 29.90 -28.16 7.18
C VAL A 301 31.15 -29.02 7.25
N LEU A 302 32.29 -28.42 7.55
CA LEU A 302 33.54 -29.18 7.65
C LEU A 302 33.46 -30.21 8.77
N ALA A 303 32.92 -29.82 9.92
CA ALA A 303 32.76 -30.75 11.03
C ALA A 303 31.69 -31.79 10.70
N GLY A 304 31.88 -33.01 11.21
CA GLY A 304 30.93 -34.07 10.98
C GLY A 304 29.61 -33.85 11.69
N LYS A 307 23.85 -31.11 10.61
CA LYS A 307 22.45 -30.82 10.88
C LYS A 307 21.76 -30.25 9.64
N ILE A 308 22.56 -29.78 8.68
CA ILE A 308 22.01 -29.24 7.44
C ILE A 308 21.44 -30.37 6.58
N GLU A 309 22.12 -31.51 6.54
CA GLU A 309 21.70 -32.62 5.68
C GLU A 309 20.34 -33.18 6.11
N ASP A 310 20.12 -33.34 7.41
CA ASP A 310 18.87 -33.95 7.87
C ASP A 310 17.71 -32.98 7.80
N TYR A 311 17.97 -31.69 8.06
CA TYR A 311 16.91 -30.70 7.99
C TYR A 311 16.35 -30.56 6.58
N PHE A 312 17.21 -30.69 5.58
CA PHE A 312 16.80 -30.56 4.18
C PHE A 312 17.17 -31.83 3.42
N PRO A 313 16.24 -32.78 3.28
CA PRO A 313 16.57 -34.02 2.56
C PRO A 313 16.95 -33.80 1.11
N GLU A 314 16.43 -32.75 0.46
CA GLU A 314 16.75 -32.49 -0.93
C GLU A 314 18.18 -32.02 -1.14
N PHE A 315 18.91 -31.72 -0.05
CA PHE A 315 20.29 -31.27 -0.19
C PHE A 315 21.18 -32.35 -0.80
N ALA A 316 20.84 -33.63 -0.58
CA ALA A 316 21.64 -34.71 -1.13
C ALA A 316 21.62 -34.69 -2.66
N ARG A 317 20.45 -34.42 -3.25
CA ARG A 317 20.33 -34.38 -4.70
C ARG A 317 20.86 -33.08 -5.29
N TYR A 318 21.10 -32.06 -4.46
CA TYR A 318 21.52 -30.77 -4.96
C TYR A 318 22.97 -30.82 -5.43
N THR A 319 23.26 -30.06 -6.48
CA THR A 319 24.60 -29.93 -7.02
C THR A 319 24.95 -28.46 -7.16
N THR A 320 26.23 -28.14 -7.02
CA THR A 320 26.68 -26.76 -7.07
C THR A 320 26.41 -26.18 -8.45
N PRO A 321 25.83 -24.98 -8.55
CA PRO A 321 25.54 -24.40 -9.86
C PRO A 321 26.83 -24.04 -10.60
N GLU A 322 26.68 -23.92 -11.92
CA GLU A 322 27.84 -23.66 -12.77
C GLU A 322 28.49 -22.32 -12.44
N ASP A 323 27.68 -21.29 -12.21
CA ASP A 323 28.19 -19.96 -11.85
C ASP A 323 28.37 -19.84 -10.35
N ALA A 324 29.10 -20.78 -9.75
CA ALA A 324 29.31 -20.76 -8.31
C ALA A 324 30.25 -19.65 -7.90
N THR A 325 31.24 -19.34 -8.74
CA THR A 325 32.33 -18.40 -8.50
C THR A 325 32.78 -18.39 -7.03
N PRO A 326 33.25 -19.53 -6.51
CA PRO A 326 33.66 -19.59 -5.09
C PRO A 326 35.00 -18.92 -4.85
N GLU A 327 34.97 -17.60 -4.70
CA GLU A 327 36.17 -16.79 -4.52
C GLU A 327 36.97 -17.22 -3.30
N PRO A 328 36.36 -17.38 -2.11
CA PRO A 328 37.17 -17.87 -0.97
C PRO A 328 37.77 -19.24 -1.19
N GLY A 329 37.05 -20.14 -1.88
CA GLY A 329 37.56 -21.46 -2.19
C GLY A 329 37.97 -22.27 -0.98
N GLU A 330 37.17 -22.21 0.09
CA GLU A 330 37.53 -22.91 1.32
C GLU A 330 37.31 -24.42 1.18
N ASP A 331 36.27 -24.82 0.46
CA ASP A 331 35.93 -26.23 0.31
C ASP A 331 34.85 -26.33 -0.76
N PRO A 332 34.80 -27.44 -1.50
CA PRO A 332 33.67 -27.66 -2.42
C PRO A 332 32.42 -28.18 -1.73
N ARG A 333 32.40 -28.26 -0.40
CA ARG A 333 31.22 -28.62 0.36
C ARG A 333 30.54 -27.42 1.00
N VAL A 334 31.32 -26.46 1.50
CA VAL A 334 30.74 -25.24 2.05
C VAL A 334 30.02 -24.45 0.97
N THR A 335 30.65 -24.32 -0.19
CA THR A 335 30.02 -23.60 -1.29
C THR A 335 28.71 -24.27 -1.69
N ARG A 336 28.70 -25.60 -1.72
CA ARG A 336 27.48 -26.32 -2.06
C ARG A 336 26.37 -26.02 -1.07
N ALA A 337 26.68 -25.99 0.23
CA ALA A 337 25.66 -25.74 1.23
C ALA A 337 25.14 -24.30 1.15
N LYS A 338 26.04 -23.33 1.06
CA LYS A 338 25.60 -21.94 1.02
C LYS A 338 24.79 -21.66 -0.24
N TYR A 339 25.19 -22.23 -1.38
CA TYR A 339 24.40 -22.04 -2.58
C TYR A 339 23.09 -22.81 -2.53
N PHE A 340 23.04 -23.92 -1.80
CA PHE A 340 21.77 -24.59 -1.59
C PHE A 340 20.80 -23.70 -0.82
N ILE A 341 21.29 -23.03 0.22
CA ILE A 341 20.43 -22.13 0.99
C ILE A 341 19.98 -20.95 0.13
N ARG A 342 20.92 -20.38 -0.64
CA ARG A 342 20.55 -19.27 -1.51
C ARG A 342 19.51 -19.69 -2.53
N ASP A 343 19.65 -20.89 -3.09
CA ASP A 343 18.65 -21.39 -4.03
C ASP A 343 17.32 -21.67 -3.35
N GLU A 344 17.36 -22.07 -2.07
CA GLU A 344 16.12 -22.27 -1.33
C GLU A 344 15.35 -20.96 -1.21
N PHE A 345 16.05 -19.86 -0.97
CA PHE A 345 15.36 -18.56 -0.95
C PHE A 345 14.93 -18.13 -2.35
N LEU A 346 15.79 -18.35 -3.34
CA LEU A 346 15.52 -17.89 -4.69
C LEU A 346 14.35 -18.65 -5.32
N ARG A 347 14.09 -19.88 -4.89
CA ARG A 347 12.93 -20.61 -5.39
C ARG A 347 11.65 -19.87 -5.06
N ILE A 348 11.48 -19.48 -3.80
CA ILE A 348 10.32 -18.69 -3.40
C ILE A 348 10.30 -17.38 -4.16
N SER A 349 11.45 -16.69 -4.22
CA SER A 349 11.48 -15.38 -4.83
C SER A 349 11.04 -15.43 -6.29
N THR A 350 11.55 -16.40 -7.05
CA THR A 350 11.24 -16.47 -8.48
C THR A 350 9.83 -16.99 -8.71
N ALA A 351 9.41 -18.02 -7.97
CA ALA A 351 8.12 -18.62 -8.22
C ALA A 351 6.98 -17.66 -7.87
N SER A 352 7.07 -16.98 -6.72
CA SER A 352 5.91 -16.23 -6.23
C SER A 352 5.64 -14.99 -7.08
N GLY A 353 6.66 -14.19 -7.37
CA GLY A 353 6.44 -12.92 -8.03
C GLY A 353 7.39 -12.62 -9.18
N ASP A 354 6.86 -12.07 -10.26
CA ASP A 354 7.64 -11.71 -11.43
C ASP A 354 7.21 -10.35 -11.95
N GLY A 355 8.18 -9.48 -12.22
CA GLY A 355 7.89 -8.19 -12.82
C GLY A 355 7.38 -7.13 -11.88
N ARG A 356 7.28 -7.41 -10.58
CA ARG A 356 6.81 -6.44 -9.61
C ARG A 356 7.92 -6.04 -8.64
N HIS A 357 8.67 -7.02 -8.12
CA HIS A 357 9.72 -6.77 -7.15
C HIS A 357 10.77 -7.86 -7.30
N TYR A 358 11.97 -7.56 -6.81
CA TYR A 358 13.12 -8.42 -7.04
C TYR A 358 13.82 -8.72 -5.72
N CYS A 359 14.47 -9.88 -5.67
CA CYS A 359 15.23 -10.30 -4.49
C CYS A 359 16.71 -10.32 -4.83
N TYR A 360 17.51 -9.68 -3.98
CA TYR A 360 18.95 -9.59 -4.19
C TYR A 360 19.67 -10.33 -3.07
N PRO A 361 20.14 -11.56 -3.30
CA PRO A 361 20.84 -12.29 -2.25
C PRO A 361 22.34 -12.04 -2.26
N HIS A 362 22.90 -11.89 -1.06
CA HIS A 362 24.34 -11.72 -0.90
C HIS A 362 24.83 -12.59 0.25
N PHE A 363 26.09 -12.98 0.17
CA PHE A 363 26.76 -13.70 1.24
C PHE A 363 27.61 -12.71 2.03
N THR A 364 27.44 -12.69 3.35
CA THR A 364 28.19 -11.82 4.22
C THR A 364 28.85 -12.64 5.33
N CYS A 365 30.09 -12.31 5.64
CA CYS A 365 30.86 -13.01 6.66
C CYS A 365 30.85 -12.28 8.00
N ALA A 366 30.13 -11.17 8.10
CA ALA A 366 30.01 -10.36 9.31
C ALA A 366 31.34 -9.76 9.76
N VAL A 367 32.38 -9.82 8.92
CA VAL A 367 33.67 -9.24 9.25
C VAL A 367 34.10 -8.32 8.11
N ASP A 368 33.15 -7.96 7.25
CA ASP A 368 33.44 -7.15 6.07
C ASP A 368 32.64 -5.86 6.11
N THR A 369 33.24 -4.80 5.57
CA THR A 369 32.63 -3.48 5.52
C THR A 369 31.93 -3.22 4.19
N GLU A 370 31.96 -4.17 3.28
CA GLU A 370 31.38 -4.00 1.95
C GLU A 370 29.86 -4.16 1.93
N ASN A 371 29.23 -4.36 3.09
CA ASN A 371 27.79 -4.56 3.13
C ASN A 371 27.05 -3.31 2.68
N ILE A 372 27.51 -2.12 3.12
CA ILE A 372 26.83 -0.90 2.73
C ILE A 372 26.97 -0.64 1.23
N ARG A 373 28.08 -1.03 0.62
CA ARG A 373 28.22 -0.87 -0.82
C ARG A 373 27.24 -1.79 -1.56
N ARG A 374 27.07 -3.02 -1.07
CA ARG A 374 26.12 -3.93 -1.68
C ARG A 374 24.69 -3.41 -1.55
N VAL A 375 24.36 -2.86 -0.38
CA VAL A 375 23.04 -2.27 -0.18
C VAL A 375 22.84 -1.09 -1.13
N PHE A 376 23.87 -0.26 -1.29
CA PHE A 376 23.77 0.88 -2.20
C PHE A 376 23.54 0.44 -3.63
N ASN A 377 24.28 -0.58 -4.08
CA ASN A 377 24.12 -1.07 -5.45
C ASN A 377 22.74 -1.69 -5.65
N ASP A 378 22.26 -2.46 -4.67
CA ASP A 378 20.94 -3.06 -4.79
C ASP A 378 19.86 -2.00 -4.81
N CYS A 379 19.99 -0.95 -4.01
CA CYS A 379 19.01 0.14 -4.02
C CYS A 379 19.04 0.87 -5.36
N ARG A 380 20.22 1.07 -5.93
CA ARG A 380 20.31 1.69 -7.24
C ARG A 380 19.58 0.85 -8.28
N ASP A 381 19.78 -0.47 -8.25
CA ASP A 381 19.08 -1.34 -9.18
C ASP A 381 17.58 -1.32 -8.94
N ILE A 382 17.16 -1.26 -7.69
CA ILE A 382 15.74 -1.24 -7.36
C ILE A 382 15.07 0.00 -7.94
N ILE A 383 15.69 1.16 -7.73
CA ILE A 383 15.10 2.39 -8.25
C ILE A 383 15.16 2.42 -9.77
N GLN A 384 16.22 1.87 -10.37
CA GLN A 384 16.28 1.77 -11.83
C GLN A 384 15.12 0.92 -12.35
N ARG A 385 14.87 -0.22 -11.72
CA ARG A 385 13.76 -1.07 -12.15
C ARG A 385 12.42 -0.36 -11.97
N MET A 386 12.26 0.37 -10.87
CA MET A 386 11.01 1.09 -10.65
C MET A 386 10.79 2.14 -11.73
N HIS A 387 11.85 2.87 -12.10
CA HIS A 387 11.72 3.88 -13.15
C HIS A 387 11.45 3.22 -14.50
N LEU A 388 12.09 2.07 -14.77
CA LEU A 388 11.85 1.38 -16.02
C LEU A 388 10.42 0.89 -16.12
N ARG A 389 9.83 0.47 -15.00
CA ARG A 389 8.44 0.02 -15.01
C ARG A 389 7.47 1.11 -15.39
N GLN A 390 7.86 2.38 -15.24
CA GLN A 390 6.96 3.47 -15.61
C GLN A 390 6.73 3.49 -17.12
N TYR A 391 7.73 3.10 -17.90
CA TYR A 391 7.61 3.00 -19.35
C TYR A 391 7.16 1.63 -19.81
N GLU A 392 6.80 0.73 -18.88
CA GLU A 392 6.45 -0.66 -19.17
C GLU A 392 7.56 -1.40 -19.90
N LEU A 393 8.79 -0.90 -19.81
CA LEU A 393 9.92 -1.62 -20.40
C LEU A 393 10.16 -2.94 -19.69
N LEU A 394 9.97 -2.97 -18.38
CA LEU A 394 10.12 -4.19 -17.60
C LEU A 394 8.78 -4.87 -17.36
N GLU B 21 -5.94 -30.22 36.57
CA GLU B 21 -6.73 -29.09 37.04
C GLU B 21 -6.89 -28.05 35.94
N LEU B 22 -5.87 -27.94 35.08
CA LEU B 22 -5.96 -27.07 33.92
C LEU B 22 -7.07 -27.53 32.97
N ASP B 23 -7.17 -28.85 32.77
CA ASP B 23 -8.25 -29.38 31.95
C ASP B 23 -9.61 -29.09 32.57
N GLN B 24 -9.70 -29.16 33.90
CA GLN B 24 -10.95 -28.83 34.58
C GLN B 24 -11.34 -27.38 34.36
N LEU B 25 -10.35 -26.47 34.44
CA LEU B 25 -10.64 -25.06 34.20
C LEU B 25 -11.04 -24.83 32.74
N ARG B 26 -10.40 -25.51 31.79
CA ARG B 26 -10.80 -25.39 30.40
C ARG B 26 -12.23 -25.88 30.18
N GLN B 27 -12.59 -27.01 30.81
CA GLN B 27 -13.97 -27.49 30.72
C GLN B 27 -14.95 -26.51 31.33
N GLU B 28 -14.57 -25.91 32.47
CA GLU B 28 -15.43 -24.92 33.11
C GLU B 28 -15.67 -23.74 32.18
N ALA B 29 -14.60 -23.23 31.56
CA ALA B 29 -14.73 -22.10 30.64
C ALA B 29 -15.57 -22.48 29.43
N GLU B 30 -15.38 -23.69 28.90
CA GLU B 30 -16.17 -24.12 27.75
C GLU B 30 -17.65 -24.21 28.11
N GLN B 31 -17.95 -24.74 29.29
CA GLN B 31 -19.35 -24.81 29.73
C GLN B 31 -19.95 -23.42 29.87
N LEU B 32 -19.17 -22.48 30.42
CA LEU B 32 -19.66 -21.11 30.55
C LEU B 32 -19.91 -20.47 29.20
N LYS B 33 -19.02 -20.70 28.24
CA LYS B 33 -19.24 -20.18 26.89
C LYS B 33 -20.50 -20.77 26.28
N ASN B 34 -20.72 -22.08 26.47
CA ASN B 34 -21.95 -22.70 25.97
C ASN B 34 -23.18 -22.08 26.62
N GLN B 35 -23.13 -21.85 27.93
CA GLN B 35 -24.26 -21.25 28.64
C GLN B 35 -24.55 -19.85 28.13
N ILE B 36 -23.51 -19.05 27.91
CA ILE B 36 -23.69 -17.72 27.33
C ILE B 36 -24.30 -17.83 25.94
N ARG B 37 -23.89 -18.84 25.17
CA ARG B 37 -24.46 -19.05 23.84
C ARG B 37 -25.94 -19.34 23.91
N ASP B 38 -26.36 -20.21 24.85
CA ASP B 38 -27.78 -20.50 24.96
C ASP B 38 -28.55 -19.28 25.45
N ALA B 39 -27.96 -18.49 26.35
CA ALA B 39 -28.62 -17.27 26.78
C ALA B 39 -28.83 -16.31 25.61
N ARG B 40 -27.81 -16.15 24.77
CA ARG B 40 -27.95 -15.29 23.59
C ARG B 40 -29.00 -15.83 22.63
N LYS B 41 -29.02 -17.15 22.42
CA LYS B 41 -29.99 -17.74 21.51
C LYS B 41 -31.41 -17.55 22.03
N ALA B 42 -31.62 -17.72 23.33
CA ALA B 42 -32.93 -17.45 23.91
C ALA B 42 -33.29 -15.98 23.80
N CYS B 43 -32.30 -15.09 23.91
CA CYS B 43 -32.57 -13.66 23.76
C CYS B 43 -33.09 -13.33 22.36
N ALA B 44 -32.50 -13.94 21.34
CA ALA B 44 -32.89 -13.63 19.97
C ALA B 44 -34.26 -14.22 19.65
N ASP B 45 -35.16 -13.39 19.15
CA ASP B 45 -36.48 -13.82 18.73
C ASP B 45 -36.78 -13.52 17.27
N ALA B 46 -36.36 -12.35 16.78
CA ALA B 46 -36.57 -11.98 15.39
C ALA B 46 -35.40 -11.13 14.92
N THR B 47 -34.99 -11.34 13.68
CA THR B 47 -33.85 -10.62 13.13
C THR B 47 -34.22 -9.15 12.88
N LEU B 48 -33.19 -8.31 12.80
CA LEU B 48 -33.41 -6.90 12.55
C LEU B 48 -33.95 -6.65 11.15
N SER B 49 -33.61 -7.52 10.20
CA SER B 49 -34.16 -7.38 8.85
C SER B 49 -35.67 -7.57 8.84
N GLN B 50 -36.16 -8.57 9.59
CA GLN B 50 -37.60 -8.77 9.68
C GLN B 50 -38.29 -7.56 10.26
N ILE B 51 -37.68 -6.92 11.27
CA ILE B 51 -38.25 -5.72 11.84
C ILE B 51 -38.29 -4.59 10.81
N THR B 52 -37.15 -4.33 10.18
CA THR B 52 -37.08 -3.29 9.14
C THR B 52 -37.27 -3.89 7.75
N ASN B 53 -38.30 -4.70 7.57
CA ASN B 53 -38.67 -5.18 6.24
C ASN B 53 -39.63 -4.25 5.52
N ASN B 54 -40.35 -3.40 6.24
CA ASN B 54 -41.30 -2.47 5.65
C ASN B 54 -40.80 -1.03 5.62
N ILE B 55 -39.53 -0.81 5.92
CA ILE B 55 -38.96 0.54 5.92
C ILE B 55 -38.64 0.95 4.49
N ASP B 56 -38.97 2.18 4.15
CA ASP B 56 -38.64 2.69 2.82
C ASP B 56 -37.13 2.77 2.65
N PRO B 57 -36.58 2.29 1.53
CA PRO B 57 -35.13 2.37 1.32
C PRO B 57 -34.65 3.81 1.26
N VAL B 58 -33.32 3.96 1.35
CA VAL B 58 -32.72 5.29 1.32
C VAL B 58 -32.98 5.96 -0.02
N GLY B 59 -32.80 5.23 -1.11
CA GLY B 59 -33.06 5.75 -2.44
C GLY B 59 -31.86 5.87 -3.35
N ARG B 60 -30.78 5.13 -3.10
CA ARG B 60 -29.58 5.13 -3.94
C ARG B 60 -29.04 6.55 -4.06
N ILE B 61 -28.56 7.05 -2.92
CA ILE B 61 -28.01 8.39 -2.87
C ILE B 61 -26.58 8.40 -3.36
N GLN B 62 -26.19 9.53 -3.95
CA GLN B 62 -24.84 9.70 -4.49
C GLN B 62 -24.22 10.97 -3.94
N MET B 63 -22.95 10.91 -3.61
CA MET B 63 -22.22 12.05 -3.06
C MET B 63 -20.94 12.24 -3.84
N ARG B 64 -20.68 13.48 -4.26
CA ARG B 64 -19.52 13.80 -5.06
C ARG B 64 -18.40 14.35 -4.19
N THR B 65 -17.19 14.34 -4.75
CA THR B 65 -16.03 14.85 -4.04
C THR B 65 -16.08 16.36 -3.97
N ARG B 66 -16.61 16.89 -2.86
CA ARG B 66 -16.70 18.34 -2.71
C ARG B 66 -15.32 18.98 -2.66
N ARG B 67 -14.38 18.36 -1.95
CA ARG B 67 -13.06 18.96 -1.83
C ARG B 67 -11.97 17.89 -1.79
N THR B 68 -10.76 18.30 -2.15
CA THR B 68 -9.59 17.42 -2.13
C THR B 68 -8.44 18.17 -1.47
N LEU B 69 -7.91 17.61 -0.40
CA LEU B 69 -6.75 18.14 0.30
C LEU B 69 -5.53 17.32 -0.06
N ARG B 70 -4.47 17.98 -0.54
CA ARG B 70 -3.35 17.31 -1.18
C ARG B 70 -2.01 17.86 -0.67
N GLY B 71 -1.87 17.94 0.65
CA GLY B 71 -0.63 18.42 1.23
C GLY B 71 0.32 17.39 1.77
N HIS B 72 -0.07 16.12 1.85
CA HIS B 72 0.78 15.10 2.44
C HIS B 72 1.67 14.44 1.40
N LEU B 73 2.83 13.98 1.84
CA LEU B 73 3.80 13.32 0.95
C LEU B 73 3.62 11.81 0.93
N ALA B 74 3.46 11.19 2.09
CA ALA B 74 3.33 9.74 2.21
C ALA B 74 1.88 9.37 2.49
N LYS B 75 1.64 8.08 2.67
CA LYS B 75 0.28 7.60 2.88
C LYS B 75 -0.29 8.15 4.17
N ILE B 76 -1.60 8.37 4.16
CA ILE B 76 -2.32 8.92 5.31
C ILE B 76 -2.87 7.75 6.11
N TYR B 77 -2.43 7.62 7.35
CA TYR B 77 -2.91 6.54 8.19
C TYR B 77 -4.19 6.90 8.95
N ALA B 78 -4.32 8.15 9.38
CA ALA B 78 -5.47 8.51 10.19
C ALA B 78 -5.84 9.97 9.99
N MET B 79 -7.11 10.26 10.27
CA MET B 79 -7.62 11.62 10.34
C MET B 79 -8.77 11.64 11.34
N HIS B 80 -8.99 12.80 11.94
CA HIS B 80 -10.04 12.97 12.93
C HIS B 80 -10.68 14.34 12.76
N TRP B 81 -12.00 14.38 12.76
CA TRP B 81 -12.73 15.63 12.64
C TRP B 81 -12.69 16.40 13.96
N GLY B 82 -12.85 17.71 13.86
CA GLY B 82 -12.98 18.52 15.03
C GLY B 82 -14.40 18.54 15.56
N THR B 83 -14.56 19.13 16.75
CA THR B 83 -15.89 19.22 17.34
C THR B 83 -16.79 20.16 16.56
N ASP B 84 -16.24 21.26 16.05
CA ASP B 84 -17.01 22.23 15.28
C ASP B 84 -17.36 21.73 13.89
N SER B 85 -16.89 20.55 13.50
CA SER B 85 -17.15 19.96 12.19
C SER B 85 -16.63 20.81 11.04
N ARG B 86 -15.63 21.64 11.31
CA ARG B 86 -14.98 22.46 10.30
C ARG B 86 -13.50 22.16 10.17
N LEU B 87 -12.80 22.00 11.28
CA LEU B 87 -11.37 21.69 11.28
C LEU B 87 -11.19 20.18 11.42
N LEU B 88 -10.21 19.65 10.71
CA LEU B 88 -9.86 18.25 10.85
C LEU B 88 -8.35 18.12 10.95
N VAL B 89 -7.89 16.99 11.48
CA VAL B 89 -6.47 16.73 11.62
C VAL B 89 -6.14 15.45 10.88
N SER B 90 -5.00 15.43 10.19
CA SER B 90 -4.56 14.25 9.48
C SER B 90 -3.10 13.96 9.79
N ALA B 91 -2.78 12.68 9.92
CA ALA B 91 -1.43 12.22 10.20
C ALA B 91 -0.93 11.37 9.03
N SER B 92 0.27 11.66 8.56
CA SER B 92 0.85 10.91 7.45
C SER B 92 2.27 10.48 7.78
N GLN B 93 2.65 9.33 7.21
CA GLN B 93 3.89 8.62 7.48
C GLN B 93 5.13 9.38 7.05
N ASP B 94 4.98 10.55 6.43
CA ASP B 94 6.11 11.45 6.26
C ASP B 94 6.42 12.21 7.52
N GLY B 95 5.89 11.74 8.66
CA GLY B 95 6.02 12.43 9.92
C GLY B 95 5.31 13.75 9.96
N LYS B 96 4.09 13.82 9.44
CA LYS B 96 3.39 15.10 9.34
C LYS B 96 2.02 15.02 10.00
N LEU B 97 1.64 16.13 10.62
CA LEU B 97 0.35 16.29 11.28
C LEU B 97 -0.20 17.65 10.87
N ILE B 98 -1.23 17.66 10.02
CA ILE B 98 -1.74 18.89 9.42
C ILE B 98 -3.19 19.08 9.87
N ILE B 99 -3.54 20.31 10.26
CA ILE B 99 -4.90 20.63 10.64
C ILE B 99 -5.52 21.43 9.51
N TRP B 100 -6.40 20.79 8.75
CA TRP B 100 -7.05 21.43 7.61
C TRP B 100 -8.31 22.17 8.05
N ASP B 101 -8.47 23.37 7.52
CA ASP B 101 -9.76 24.06 7.50
C ASP B 101 -10.46 23.63 6.23
N SER B 102 -11.48 22.78 6.38
CA SER B 102 -12.13 22.16 5.23
C SER B 102 -13.06 23.12 4.50
N TYR B 103 -13.59 24.13 5.19
CA TYR B 103 -14.49 25.07 4.52
C TYR B 103 -13.76 25.82 3.42
N THR B 104 -12.58 26.35 3.73
CA THR B 104 -11.79 27.13 2.78
C THR B 104 -10.59 26.34 2.25
N THR B 105 -10.62 25.01 2.39
CA THR B 105 -9.58 24.07 1.96
C THR B 105 -8.18 24.54 2.36
N ASN B 106 -8.08 25.35 3.39
CA ASN B 106 -6.78 25.85 3.81
C ASN B 106 -6.15 24.90 4.82
N LYS B 107 -4.91 25.15 5.17
CA LYS B 107 -4.26 24.35 6.20
C LYS B 107 -3.62 25.24 7.23
N VAL B 108 -3.56 24.73 8.46
CA VAL B 108 -2.90 25.38 9.58
C VAL B 108 -2.19 24.28 10.37
N HIS B 109 -1.22 24.70 11.17
CA HIS B 109 -0.56 23.85 12.15
C HIS B 109 -0.03 22.56 11.51
N ALA B 110 0.95 22.73 10.64
CA ALA B 110 1.69 21.58 10.11
C ALA B 110 2.71 21.17 11.18
N ILE B 111 2.37 20.17 11.97
CA ILE B 111 3.16 19.76 13.12
C ILE B 111 4.14 18.67 12.69
N PRO B 112 5.45 18.89 12.80
CA PRO B 112 6.38 17.79 12.56
C PRO B 112 6.48 16.87 13.76
N LEU B 113 6.54 15.57 13.49
CA LEU B 113 6.58 14.56 14.53
C LEU B 113 7.98 14.03 14.73
N ARG B 114 8.30 13.68 15.98
CA ARG B 114 9.61 13.12 16.30
C ARG B 114 9.82 11.79 15.58
N SER B 115 8.81 10.94 15.57
CA SER B 115 8.86 9.66 14.88
C SER B 115 7.93 9.72 13.67
N SER B 116 8.42 9.27 12.53
CA SER B 116 7.68 9.38 11.28
C SER B 116 6.70 8.23 11.07
N TRP B 117 6.57 7.33 12.03
CA TRP B 117 5.73 6.14 11.88
C TRP B 117 4.41 6.26 12.62
N VAL B 118 3.82 7.46 12.58
CA VAL B 118 2.53 7.67 13.20
C VAL B 118 1.46 6.81 12.54
N MET B 119 0.60 6.21 13.35
CA MET B 119 -0.51 5.41 12.85
C MET B 119 -1.86 5.87 13.34
N THR B 120 -1.92 6.89 14.20
CA THR B 120 -3.19 7.37 14.70
C THR B 120 -3.05 8.82 15.13
N CYS B 121 -4.17 9.53 15.16
CA CYS B 121 -4.20 10.93 15.57
C CYS B 121 -5.57 11.24 16.12
N ALA B 122 -5.62 12.09 17.15
CA ALA B 122 -6.89 12.44 17.75
C ALA B 122 -7.02 13.95 17.99
N TYR B 123 -8.25 14.44 17.96
CA TYR B 123 -8.52 15.84 18.17
C TYR B 123 -9.30 16.00 19.47
N ALA B 124 -8.83 16.86 20.36
CA ALA B 124 -9.50 17.08 21.64
C ALA B 124 -10.87 17.72 21.43
N PRO B 125 -11.86 17.30 22.23
CA PRO B 125 -13.21 17.85 22.14
C PRO B 125 -13.20 19.37 22.22
N SER B 126 -12.40 19.91 23.14
CA SER B 126 -12.29 21.36 23.28
C SER B 126 -11.61 22.00 22.07
N GLY B 127 -10.85 21.22 21.32
CA GLY B 127 -10.08 21.76 20.21
C GLY B 127 -8.75 22.35 20.60
N ASN B 128 -8.29 22.11 21.83
CA ASN B 128 -7.07 22.72 22.34
C ASN B 128 -5.84 21.84 22.16
N TYR B 129 -6.02 20.53 22.01
CA TYR B 129 -4.92 19.58 21.99
C TYR B 129 -5.05 18.65 20.80
N VAL B 130 -3.91 18.09 20.39
CA VAL B 130 -3.89 17.06 19.35
C VAL B 130 -2.99 15.92 19.79
N ALA B 131 -3.47 14.69 19.65
CA ALA B 131 -2.71 13.51 20.03
C ALA B 131 -2.23 12.76 18.79
N CYS B 132 -1.07 12.12 18.91
CA CYS B 132 -0.58 11.27 17.83
C CYS B 132 0.37 10.24 18.38
N GLY B 133 0.31 9.03 17.85
CA GLY B 133 1.19 7.96 18.27
C GLY B 133 1.44 6.98 17.13
N GLY B 134 2.42 6.10 17.35
CA GLY B 134 2.76 5.15 16.32
C GLY B 134 3.70 4.05 16.75
N LEU B 135 4.67 3.72 15.90
CA LEU B 135 5.61 2.65 16.18
C LEU B 135 6.56 2.99 17.32
N ASP B 136 6.59 4.23 17.78
CA ASP B 136 7.45 4.61 18.89
C ASP B 136 6.89 4.21 20.24
N ASN B 137 5.69 3.63 20.27
CA ASN B 137 5.04 3.17 21.51
C ASN B 137 4.73 4.32 22.45
N ILE B 138 4.58 5.53 21.92
CA ILE B 138 4.42 6.73 22.73
C ILE B 138 3.32 7.59 22.14
N CYS B 139 2.50 8.17 23.01
CA CYS B 139 1.45 9.10 22.60
C CYS B 139 1.90 10.53 22.91
N SER B 140 2.01 11.36 21.88
CA SER B 140 2.41 12.75 22.03
C SER B 140 1.17 13.63 22.03
N ILE B 141 1.08 14.51 23.02
CA ILE B 141 0.00 15.48 23.15
C ILE B 141 0.60 16.85 22.86
N TYR B 142 0.06 17.51 21.84
CA TYR B 142 0.51 18.82 21.38
C TYR B 142 -0.51 19.87 21.79
N ASN B 143 -0.03 20.98 22.34
CA ASN B 143 -0.87 22.12 22.70
C ASN B 143 -1.05 22.98 21.46
N LEU B 144 -2.30 23.07 20.98
CA LEU B 144 -2.56 23.81 19.75
C LEU B 144 -2.38 25.32 19.95
N LYS B 145 -2.86 25.85 21.06
CA LYS B 145 -2.75 27.27 21.34
C LYS B 145 -1.72 27.49 22.44
N THR B 146 -0.71 28.31 22.14
CA THR B 146 0.34 28.64 23.09
C THR B 146 0.55 30.14 23.07
N ARG B 147 1.13 30.66 24.15
CA ARG B 147 1.47 32.08 24.20
C ARG B 147 2.47 32.42 23.10
N GLU B 148 3.46 31.55 22.88
CA GLU B 148 4.39 31.76 21.78
C GLU B 148 3.70 31.65 20.44
N GLY B 149 2.61 30.90 20.37
CA GLY B 149 1.88 30.69 19.14
C GLY B 149 2.39 29.56 18.28
N ASN B 150 3.39 28.82 18.74
CA ASN B 150 3.97 27.70 18.00
C ASN B 150 3.56 26.40 18.67
N VAL B 151 3.09 25.44 17.86
CA VAL B 151 2.67 24.17 18.39
C VAL B 151 3.87 23.39 18.88
N ARG B 152 3.79 22.91 20.12
CA ARG B 152 4.89 22.18 20.75
C ARG B 152 4.32 20.99 21.50
N VAL B 153 5.19 20.03 21.80
CA VAL B 153 4.78 18.80 22.49
C VAL B 153 4.44 19.18 23.92
N SER B 154 3.14 19.22 24.23
CA SER B 154 2.73 19.52 25.60
C SER B 154 3.16 18.40 26.55
N ARG B 155 3.00 17.15 26.13
CA ARG B 155 3.44 16.05 26.99
C ARG B 155 3.63 14.77 26.19
N GLU B 156 4.51 13.91 26.66
CA GLU B 156 4.80 12.63 26.04
C GLU B 156 4.40 11.51 27.01
N LEU B 157 3.55 10.60 26.56
CA LEU B 157 3.10 9.48 27.39
C LEU B 157 3.68 8.18 26.86
N ALA B 158 4.46 7.48 27.69
CA ALA B 158 5.07 6.22 27.25
C ALA B 158 4.89 5.05 28.21
N GLY B 159 3.66 4.53 28.29
CA GLY B 159 3.38 3.38 29.14
C GLY B 159 3.07 2.12 28.35
N HIS B 160 3.27 2.16 27.04
CA HIS B 160 2.96 1.03 26.18
C HIS B 160 4.19 0.32 25.64
N THR B 161 4.13 -1.01 25.64
CA THR B 161 5.24 -1.83 25.14
C THR B 161 5.05 -2.18 23.66
N GLY B 162 3.92 -1.79 23.09
CA GLY B 162 3.63 -2.04 21.70
C GLY B 162 3.21 -0.77 21.00
N TYR B 163 3.10 -0.85 19.68
CA TYR B 163 2.73 0.31 18.89
C TYR B 163 1.33 0.78 19.24
N LEU B 164 1.13 2.09 19.22
CA LEU B 164 -0.18 2.67 19.50
C LEU B 164 -1.04 2.60 18.25
N SER B 165 -2.12 1.83 18.31
CA SER B 165 -2.99 1.70 17.14
C SER B 165 -4.06 2.77 17.10
N CYS B 166 -4.53 3.23 18.26
CA CYS B 166 -5.57 4.23 18.30
C CYS B 166 -5.48 5.01 19.60
N CYS B 167 -6.04 6.22 19.58
CA CYS B 167 -6.11 7.06 20.77
C CYS B 167 -7.28 8.01 20.62
N ARG B 168 -7.99 8.26 21.72
CA ARG B 168 -9.15 9.14 21.72
C ARG B 168 -9.14 9.98 22.99
N PHE B 169 -9.46 11.26 22.85
CA PHE B 169 -9.51 12.16 24.00
C PHE B 169 -10.81 11.97 24.76
N LEU B 170 -10.71 11.82 26.07
CA LEU B 170 -11.90 11.64 26.89
C LEU B 170 -12.53 12.97 27.24
N ASP B 171 -11.80 13.82 27.96
CA ASP B 171 -12.33 15.12 28.39
C ASP B 171 -11.27 16.20 28.38
N ASP B 172 -10.32 16.13 27.44
CA ASP B 172 -9.28 17.14 27.24
C ASP B 172 -8.24 17.07 28.35
N ASN B 173 -8.50 16.25 29.37
CA ASN B 173 -7.53 15.97 30.41
C ASN B 173 -7.23 14.50 30.58
N GLN B 174 -8.06 13.62 30.03
CA GLN B 174 -7.80 12.19 30.01
C GLN B 174 -7.84 11.69 28.58
N ILE B 175 -7.01 10.70 28.28
CA ILE B 175 -6.93 10.12 26.95
C ILE B 175 -6.94 8.60 27.08
N VAL B 176 -7.65 7.95 26.16
CA VAL B 176 -7.72 6.50 26.10
C VAL B 176 -6.94 6.05 24.88
N THR B 177 -5.98 5.16 25.07
CA THR B 177 -5.14 4.66 24.00
C THR B 177 -5.22 3.14 23.96
N SER B 178 -5.05 2.58 22.77
CA SER B 178 -4.97 1.14 22.57
C SER B 178 -3.66 0.82 21.87
N SER B 179 -2.98 -0.23 22.30
CA SER B 179 -1.66 -0.51 21.76
C SER B 179 -1.59 -1.92 21.17
N GLY B 180 -0.45 -2.20 20.56
CA GLY B 180 -0.14 -3.50 20.02
C GLY B 180 0.29 -4.52 21.04
N ASP B 181 0.43 -4.13 22.31
CA ASP B 181 0.70 -5.06 23.39
C ASP B 181 -0.59 -5.62 24.01
N THR B 182 -1.68 -5.61 23.25
CA THR B 182 -2.97 -6.20 23.66
C THR B 182 -3.55 -5.50 24.88
N THR B 183 -3.27 -4.22 25.08
CA THR B 183 -3.77 -3.49 26.23
C THR B 183 -4.30 -2.13 25.82
N CYS B 184 -5.28 -1.65 26.58
CA CYS B 184 -5.74 -0.27 26.51
C CYS B 184 -5.37 0.43 27.81
N ALA B 185 -5.18 1.75 27.73
CA ALA B 185 -4.77 2.52 28.89
C ALA B 185 -5.51 3.85 28.91
N LEU B 186 -6.04 4.19 30.08
CA LEU B 186 -6.63 5.50 30.33
C LEU B 186 -5.64 6.31 31.14
N TRP B 187 -5.23 7.46 30.63
CA TRP B 187 -4.16 8.27 31.16
C TRP B 187 -4.70 9.50 31.86
N ASP B 188 -3.79 10.19 32.54
CA ASP B 188 -4.03 11.52 33.10
C ASP B 188 -3.00 12.45 32.47
N ILE B 189 -3.46 13.36 31.61
CA ILE B 189 -2.56 14.21 30.86
C ILE B 189 -1.78 15.12 31.81
N GLU B 190 -2.42 15.57 32.88
CA GLU B 190 -1.74 16.47 33.81
C GLU B 190 -0.51 15.81 34.42
N THR B 191 -0.68 14.62 34.99
CA THR B 191 0.43 13.91 35.63
C THR B 191 1.21 13.01 34.68
N GLY B 192 0.69 12.77 33.48
CA GLY B 192 1.40 11.94 32.51
C GLY B 192 1.62 10.51 32.97
N GLN B 193 0.63 9.93 33.64
CA GLN B 193 0.74 8.57 34.14
C GLN B 193 -0.52 7.79 33.80
N GLN B 194 -0.38 6.48 33.68
CA GLN B 194 -1.52 5.62 33.44
C GLN B 194 -2.43 5.63 34.66
N THR B 195 -3.70 5.95 34.46
CA THR B 195 -4.68 5.88 35.54
C THR B 195 -5.33 4.51 35.60
N THR B 196 -5.72 3.96 34.46
CA THR B 196 -6.34 2.64 34.42
C THR B 196 -5.78 1.84 33.28
N THR B 197 -5.72 0.52 33.46
CA THR B 197 -5.23 -0.40 32.43
C THR B 197 -6.31 -1.43 32.15
N PHE B 198 -6.72 -1.53 30.89
CA PHE B 198 -7.73 -2.48 30.45
C PHE B 198 -7.03 -3.62 29.73
N THR B 199 -7.19 -4.82 30.27
CA THR B 199 -6.55 -6.02 29.74
C THR B 199 -7.60 -7.11 29.54
N GLY B 200 -7.30 -8.02 28.63
CA GLY B 200 -8.21 -9.11 28.33
C GLY B 200 -8.22 -9.49 26.86
N HIS B 201 -7.55 -8.68 26.04
CA HIS B 201 -7.45 -8.96 24.62
C HIS B 201 -6.25 -9.87 24.36
N THR B 202 -6.41 -10.81 23.44
CA THR B 202 -5.33 -11.71 23.08
C THR B 202 -4.48 -11.01 22.04
N GLY B 203 -5.09 -10.74 20.89
CA GLY B 203 -4.43 -10.04 19.81
C GLY B 203 -4.31 -8.56 20.15
N ASP B 204 -3.35 -7.88 19.54
CA ASP B 204 -3.17 -6.46 19.82
C ASP B 204 -4.41 -5.67 19.40
N VAL B 205 -4.80 -4.71 20.23
CA VAL B 205 -5.97 -3.89 19.95
C VAL B 205 -5.75 -3.01 18.74
N MET B 206 -6.66 -3.08 17.78
CA MET B 206 -6.53 -2.28 16.57
C MET B 206 -7.30 -0.98 16.61
N SER B 207 -8.44 -0.93 17.29
CA SER B 207 -9.21 0.30 17.30
C SER B 207 -10.02 0.40 18.58
N LEU B 208 -10.43 1.62 18.91
CA LEU B 208 -11.34 1.86 20.02
C LEU B 208 -12.28 3.00 19.64
N SER B 209 -13.44 3.00 20.28
CA SER B 209 -14.46 4.02 20.04
C SER B 209 -15.13 4.39 21.35
N LEU B 210 -15.20 5.68 21.62
CA LEU B 210 -15.82 6.17 22.85
C LEU B 210 -17.33 6.26 22.70
N ALA B 211 -18.03 5.98 23.80
CA ALA B 211 -19.47 6.16 23.82
C ALA B 211 -19.80 7.65 23.81
N PRO B 212 -20.99 8.02 23.33
CA PRO B 212 -21.36 9.44 23.33
C PRO B 212 -21.35 10.09 24.70
N ASP B 213 -21.65 9.33 25.76
CA ASP B 213 -21.63 9.86 27.12
C ASP B 213 -20.25 9.79 27.77
N THR B 214 -19.26 9.20 27.08
CA THR B 214 -17.91 9.04 27.61
C THR B 214 -17.90 8.25 28.92
N ARG B 215 -18.87 7.36 29.09
CA ARG B 215 -18.89 6.45 30.23
C ARG B 215 -18.38 5.06 29.87
N LEU B 216 -18.48 4.68 28.61
CA LEU B 216 -18.01 3.39 28.12
C LEU B 216 -17.19 3.60 26.86
N PHE B 217 -16.50 2.56 26.45
CA PHE B 217 -15.83 2.55 25.15
C PHE B 217 -15.61 1.12 24.71
N VAL B 218 -15.74 0.90 23.41
CA VAL B 218 -15.54 -0.42 22.82
C VAL B 218 -14.15 -0.47 22.21
N SER B 219 -13.60 -1.67 22.14
CA SER B 219 -12.26 -1.89 21.58
C SER B 219 -12.28 -3.15 20.75
N GLY B 220 -11.77 -3.06 19.53
CA GLY B 220 -11.60 -4.19 18.66
C GLY B 220 -10.13 -4.53 18.46
N ALA B 221 -9.80 -5.81 18.59
CA ALA B 221 -8.43 -6.28 18.58
C ALA B 221 -8.20 -7.27 17.44
N CYS B 222 -6.99 -7.81 17.39
CA CYS B 222 -6.60 -8.70 16.30
C CYS B 222 -7.30 -10.05 16.38
N ASP B 223 -7.78 -10.45 17.55
CA ASP B 223 -8.66 -11.60 17.60
C ASP B 223 -10.04 -11.20 17.08
N ALA B 224 -10.93 -12.19 16.95
CA ALA B 224 -12.26 -11.91 16.43
C ALA B 224 -13.15 -11.17 17.43
N SER B 225 -12.68 -10.96 18.65
CA SER B 225 -13.51 -10.42 19.72
C SER B 225 -13.44 -8.91 19.80
N ALA B 226 -14.50 -8.31 20.32
CA ALA B 226 -14.55 -6.89 20.65
C ALA B 226 -15.09 -6.75 22.06
N LYS B 227 -14.43 -5.93 22.88
CA LYS B 227 -14.74 -5.82 24.29
C LYS B 227 -15.23 -4.43 24.63
N LEU B 228 -16.22 -4.35 25.50
CA LEU B 228 -16.78 -3.08 25.97
C LEU B 228 -16.34 -2.85 27.40
N TRP B 229 -15.69 -1.72 27.65
CA TRP B 229 -15.21 -1.35 28.97
C TRP B 229 -15.91 -0.10 29.44
N ASP B 230 -15.88 0.14 30.75
CA ASP B 230 -16.32 1.39 31.33
C ASP B 230 -15.11 2.07 31.97
N VAL B 231 -14.88 3.33 31.61
CA VAL B 231 -13.62 3.99 31.95
C VAL B 231 -13.46 4.22 33.44
N ARG B 232 -14.54 4.13 34.22
CA ARG B 232 -14.43 4.45 35.65
C ARG B 232 -13.53 3.47 36.38
N GLU B 233 -13.69 2.17 36.11
CA GLU B 233 -12.74 1.19 36.64
C GLU B 233 -12.28 0.14 35.65
N GLY B 234 -12.94 -0.01 34.50
CA GLY B 234 -12.38 -0.82 33.43
C GLY B 234 -12.31 -2.31 33.70
N MET B 235 -13.47 -2.97 33.72
CA MET B 235 -13.50 -4.41 34.00
C MET B 235 -14.14 -5.23 32.89
N CYS B 236 -14.25 -4.69 31.66
CA CYS B 236 -14.68 -5.46 30.50
C CYS B 236 -16.09 -6.05 30.71
N ARG B 237 -17.06 -5.15 30.71
CA ARG B 237 -18.45 -5.53 30.93
C ARG B 237 -18.90 -6.64 29.98
N GLN B 238 -18.67 -6.47 28.68
CA GLN B 238 -19.21 -7.41 27.70
C GLN B 238 -18.16 -7.71 26.64
N THR B 239 -18.33 -8.88 26.01
CA THR B 239 -17.49 -9.32 24.91
C THR B 239 -18.36 -9.86 23.79
N PHE B 240 -18.05 -9.46 22.56
CA PHE B 240 -18.81 -9.85 21.38
C PHE B 240 -17.89 -10.57 20.41
N THR B 241 -18.29 -11.76 19.98
CA THR B 241 -17.49 -12.60 19.08
C THR B 241 -18.38 -13.03 17.91
N GLY B 242 -18.33 -12.26 16.83
CA GLY B 242 -19.06 -12.62 15.63
C GLY B 242 -18.19 -12.70 14.40
N HIS B 243 -17.07 -11.99 14.41
CA HIS B 243 -16.20 -11.93 13.25
C HIS B 243 -15.36 -13.19 13.12
N GLU B 244 -14.63 -13.28 12.01
CA GLU B 244 -13.75 -14.41 11.74
C GLU B 244 -12.30 -14.02 11.57
N SER B 245 -11.98 -12.73 11.51
CA SER B 245 -10.60 -12.30 11.33
C SER B 245 -10.37 -11.05 12.18
N ASP B 246 -9.22 -10.41 11.97
CA ASP B 246 -8.87 -9.22 12.73
C ASP B 246 -9.87 -8.09 12.55
N ILE B 247 -10.26 -7.47 13.65
CA ILE B 247 -11.18 -6.33 13.61
C ILE B 247 -10.32 -5.09 13.44
N ASN B 248 -10.41 -4.49 12.26
CA ASN B 248 -9.56 -3.33 11.96
C ASN B 248 -10.15 -2.05 12.52
N ALA B 249 -11.46 -1.86 12.40
CA ALA B 249 -12.09 -0.59 12.76
C ALA B 249 -13.37 -0.84 13.53
N ILE B 250 -13.71 0.12 14.39
CA ILE B 250 -14.91 0.06 15.20
C ILE B 250 -15.49 1.46 15.30
N CYS B 251 -16.81 1.54 15.30
CA CYS B 251 -17.52 2.80 15.45
C CYS B 251 -18.77 2.57 16.27
N PHE B 252 -19.21 3.63 16.96
CA PHE B 252 -20.23 3.51 17.98
C PHE B 252 -21.50 4.20 17.48
N PHE B 253 -22.65 3.57 17.71
CA PHE B 253 -23.90 4.12 17.21
C PHE B 253 -24.22 5.45 17.90
N PRO B 254 -24.87 6.38 17.18
CA PRO B 254 -25.17 7.69 17.78
C PRO B 254 -25.99 7.62 19.06
N ASN B 255 -26.96 6.71 19.15
CA ASN B 255 -27.76 6.64 20.37
C ASN B 255 -26.97 6.03 21.52
N GLY B 256 -25.86 5.38 21.22
CA GLY B 256 -25.01 4.79 22.25
C GLY B 256 -25.37 3.38 22.65
N ASN B 257 -26.38 2.78 22.03
CA ASN B 257 -26.83 1.44 22.39
C ASN B 257 -26.36 0.37 21.42
N ALA B 258 -25.46 0.73 20.48
CA ALA B 258 -24.99 -0.22 19.50
C ALA B 258 -23.65 0.27 18.97
N PHE B 259 -22.98 -0.60 18.20
CA PHE B 259 -21.75 -0.24 17.53
C PHE B 259 -21.56 -1.15 16.34
N ALA B 260 -20.67 -0.74 15.44
CA ALA B 260 -20.40 -1.46 14.21
C ALA B 260 -18.92 -1.76 14.11
N THR B 261 -18.61 -2.95 13.62
CA THR B 261 -17.23 -3.42 13.50
C THR B 261 -16.95 -3.82 12.06
N GLY B 262 -15.72 -3.54 11.63
CA GLY B 262 -15.26 -4.00 10.33
C GLY B 262 -14.02 -4.84 10.48
N SER B 263 -13.97 -5.98 9.80
CA SER B 263 -12.87 -6.92 9.97
C SER B 263 -12.20 -7.20 8.62
N ASP B 264 -11.18 -8.06 8.67
CA ASP B 264 -10.45 -8.44 7.47
C ASP B 264 -11.14 -9.52 6.67
N ASP B 265 -12.23 -10.11 7.19
CA ASP B 265 -12.98 -11.12 6.46
C ASP B 265 -14.02 -10.50 5.53
N ALA B 266 -13.83 -9.23 5.16
CA ALA B 266 -14.66 -8.56 4.15
C ALA B 266 -16.12 -8.48 4.56
N THR B 267 -16.38 -8.29 5.85
CA THR B 267 -17.73 -8.10 6.35
C THR B 267 -17.74 -6.98 7.38
N CYS B 268 -18.88 -6.33 7.50
CA CYS B 268 -19.17 -5.44 8.61
C CYS B 268 -20.28 -6.06 9.44
N ARG B 269 -20.27 -5.77 10.74
CA ARG B 269 -21.26 -6.34 11.64
C ARG B 269 -21.77 -5.26 12.58
N LEU B 270 -23.04 -5.39 12.97
CA LEU B 270 -23.65 -4.42 13.87
C LEU B 270 -24.01 -5.14 15.17
N PHE B 271 -23.22 -4.93 16.21
CA PHE B 271 -23.56 -5.44 17.52
C PHE B 271 -24.32 -4.37 18.30
N ASP B 272 -25.04 -4.81 19.33
CA ASP B 272 -25.77 -3.88 20.16
C ASP B 272 -25.53 -4.19 21.62
N LEU B 273 -25.43 -3.14 22.43
CA LEU B 273 -25.35 -3.31 23.87
C LEU B 273 -26.70 -3.77 24.40
N ARG B 274 -26.72 -4.10 25.70
CA ARG B 274 -27.91 -4.48 26.47
C ARG B 274 -28.67 -5.63 25.80
N ALA B 275 -28.09 -6.21 24.76
CA ALA B 275 -28.55 -7.48 24.20
C ALA B 275 -27.42 -8.46 23.92
N ASP B 276 -26.17 -7.97 23.82
CA ASP B 276 -24.99 -8.83 23.78
C ASP B 276 -25.05 -9.82 22.62
N GLN B 277 -25.38 -9.30 21.44
CA GLN B 277 -25.62 -10.18 20.31
C GLN B 277 -25.42 -9.43 18.99
N GLU B 278 -25.32 -10.21 17.92
CA GLU B 278 -25.38 -9.67 16.57
C GLU B 278 -26.78 -9.18 16.25
N LEU B 279 -26.86 -8.13 15.42
CA LEU B 279 -28.11 -7.73 14.81
C LEU B 279 -28.13 -7.97 13.31
N MET B 280 -27.15 -7.45 12.58
CA MET B 280 -27.13 -7.66 11.14
C MET B 280 -25.70 -7.56 10.63
N THR B 281 -25.41 -8.29 9.56
CA THR B 281 -24.12 -8.29 8.91
C THR B 281 -24.25 -7.71 7.50
N TYR B 282 -23.29 -6.88 7.13
CA TYR B 282 -23.25 -6.21 5.84
C TYR B 282 -22.10 -6.80 5.04
N SER B 283 -22.44 -7.49 3.96
CA SER B 283 -21.44 -8.12 3.11
C SER B 283 -22.03 -8.36 1.74
N HIS B 284 -21.15 -8.58 0.76
CA HIS B 284 -21.55 -8.90 -0.59
C HIS B 284 -20.61 -9.96 -1.14
N ASP B 285 -21.10 -10.72 -2.12
CA ASP B 285 -20.33 -11.81 -2.68
C ASP B 285 -19.08 -11.30 -3.39
N ASN B 286 -19.20 -10.20 -4.13
CA ASN B 286 -18.09 -9.65 -4.90
C ASN B 286 -17.16 -8.77 -4.06
N ILE B 287 -17.23 -8.86 -2.74
CA ILE B 287 -16.33 -8.14 -1.85
C ILE B 287 -15.42 -9.17 -1.19
N ILE B 288 -14.12 -9.07 -1.47
CA ILE B 288 -13.16 -10.03 -0.94
C ILE B 288 -11.99 -9.30 -0.32
N CYS B 289 -12.20 -8.05 0.08
CA CYS B 289 -11.17 -7.23 0.70
C CYS B 289 -11.64 -6.78 2.09
N GLY B 290 -10.70 -6.69 3.02
CA GLY B 290 -11.05 -6.39 4.38
C GLY B 290 -11.48 -4.94 4.58
N ILE B 291 -12.19 -4.71 5.68
CA ILE B 291 -12.64 -3.39 6.04
C ILE B 291 -11.52 -2.67 6.78
N THR B 292 -11.29 -1.40 6.45
CA THR B 292 -10.29 -0.60 7.14
C THR B 292 -10.89 0.50 8.01
N SER B 293 -12.08 0.97 7.69
CA SER B 293 -12.69 2.07 8.43
C SER B 293 -14.20 1.88 8.45
N VAL B 294 -14.83 2.32 9.53
CA VAL B 294 -16.27 2.25 9.71
C VAL B 294 -16.74 3.51 10.40
N SER B 295 -17.82 4.10 9.92
CA SER B 295 -18.39 5.27 10.55
C SER B 295 -19.89 5.31 10.26
N PHE B 296 -20.61 6.06 11.10
CA PHE B 296 -22.05 6.20 11.00
C PHE B 296 -22.41 7.62 10.61
N SER B 297 -23.58 7.78 9.98
CA SER B 297 -24.08 9.10 9.66
C SER B 297 -24.64 9.75 10.92
N LYS B 298 -25.17 10.97 10.75
CA LYS B 298 -25.66 11.73 11.90
C LYS B 298 -26.81 11.02 12.59
N SER B 299 -27.76 10.49 11.81
CA SER B 299 -28.91 9.80 12.38
C SER B 299 -28.69 8.31 12.52
N GLY B 300 -27.56 7.78 12.03
CA GLY B 300 -27.29 6.36 12.11
C GLY B 300 -27.94 5.52 11.03
N ARG B 301 -28.69 6.12 10.11
CA ARG B 301 -29.30 5.35 9.05
C ARG B 301 -28.26 4.80 8.08
N LEU B 302 -27.19 5.55 7.84
CA LEU B 302 -26.15 5.16 6.91
C LEU B 302 -24.94 4.65 7.67
N LEU B 303 -24.30 3.61 7.13
CA LEU B 303 -23.05 3.09 7.65
C LEU B 303 -22.01 3.16 6.54
N LEU B 304 -20.97 3.95 6.75
CA LEU B 304 -19.91 4.13 5.75
C LEU B 304 -18.73 3.24 6.12
N ALA B 305 -18.32 2.39 5.17
CA ALA B 305 -17.24 1.46 5.41
C ALA B 305 -16.18 1.62 4.33
N GLY B 306 -14.93 1.82 4.75
CA GLY B 306 -13.82 1.89 3.82
C GLY B 306 -13.22 0.53 3.56
N TYR B 307 -12.87 0.27 2.32
CA TYR B 307 -12.43 -1.05 1.88
C TYR B 307 -11.01 -0.99 1.35
N ASP B 308 -10.44 -2.17 1.13
CA ASP B 308 -9.10 -2.29 0.57
C ASP B 308 -9.09 -2.23 -0.95
N ASP B 309 -10.25 -2.32 -1.61
CA ASP B 309 -10.32 -2.21 -3.05
C ASP B 309 -10.43 -0.76 -3.53
N PHE B 310 -9.98 0.18 -2.71
CA PHE B 310 -9.91 1.61 -2.99
C PHE B 310 -11.29 2.28 -3.02
N ASN B 311 -12.33 1.60 -2.57
CA ASN B 311 -13.68 2.14 -2.59
C ASN B 311 -14.21 2.28 -1.18
N CYS B 312 -15.28 3.06 -1.05
CA CYS B 312 -15.99 3.23 0.21
C CYS B 312 -17.46 2.92 -0.05
N ASN B 313 -18.01 1.98 0.70
CA ASN B 313 -19.39 1.56 0.51
C ASN B 313 -20.27 2.18 1.58
N VAL B 314 -21.38 2.77 1.15
CA VAL B 314 -22.37 3.34 2.05
C VAL B 314 -23.55 2.39 2.09
N TRP B 315 -23.79 1.79 3.26
CA TRP B 315 -24.80 0.79 3.47
C TRP B 315 -26.00 1.40 4.19
N ASP B 316 -27.19 0.95 3.83
CA ASP B 316 -28.37 1.20 4.64
C ASP B 316 -28.29 0.32 5.88
N ALA B 317 -28.02 0.93 7.04
CA ALA B 317 -27.77 0.16 8.24
C ALA B 317 -28.97 -0.66 8.69
N LEU B 318 -30.17 -0.35 8.18
CA LEU B 318 -31.36 -1.07 8.60
C LEU B 318 -31.72 -2.23 7.67
N LYS B 319 -31.15 -2.27 6.47
CA LYS B 319 -31.50 -3.29 5.49
C LYS B 319 -30.32 -4.08 4.94
N ALA B 320 -29.08 -3.66 5.20
CA ALA B 320 -27.88 -4.33 4.70
C ALA B 320 -27.88 -4.44 3.18
N ASP B 321 -28.35 -3.40 2.51
CA ASP B 321 -28.24 -3.30 1.07
C ASP B 321 -27.39 -2.09 0.72
N ARG B 322 -26.43 -2.29 -0.18
CA ARG B 322 -25.54 -1.21 -0.58
C ARG B 322 -26.33 -0.07 -1.18
N ALA B 323 -26.16 1.12 -0.61
CA ALA B 323 -26.87 2.30 -1.06
C ALA B 323 -26.01 3.28 -1.82
N GLY B 324 -24.69 3.23 -1.66
CA GLY B 324 -23.84 4.16 -2.37
C GLY B 324 -22.41 3.67 -2.45
N VAL B 325 -21.69 4.22 -3.42
CA VAL B 325 -20.28 3.95 -3.61
C VAL B 325 -19.54 5.28 -3.66
N LEU B 326 -18.35 5.33 -3.08
CA LEU B 326 -17.52 6.52 -3.06
C LEU B 326 -16.15 6.17 -3.60
N ALA B 327 -16.08 5.82 -4.88
CA ALA B 327 -14.80 5.44 -5.49
C ALA B 327 -13.97 6.60 -6.02
N GLY B 328 -13.41 7.39 -5.11
CA GLY B 328 -12.58 8.51 -5.50
C GLY B 328 -11.09 8.37 -5.21
N HIS B 329 -10.66 7.21 -4.73
CA HIS B 329 -9.25 7.02 -4.38
C HIS B 329 -8.49 6.06 -5.28
N ASP B 330 -7.16 6.12 -5.20
CA ASP B 330 -6.30 5.27 -6.00
C ASP B 330 -5.72 4.10 -5.20
N ASN B 331 -5.61 4.24 -3.89
CA ASN B 331 -5.08 3.20 -3.02
C ASN B 331 -6.07 3.01 -1.87
N ARG B 332 -5.73 2.14 -0.94
CA ARG B 332 -6.67 1.82 0.15
C ARG B 332 -6.92 3.05 1.01
N VAL B 333 -8.10 3.08 1.63
CA VAL B 333 -8.56 4.31 2.28
C VAL B 333 -7.96 4.45 3.68
N SER B 334 -8.08 3.41 4.51
CA SER B 334 -7.39 3.32 5.80
C SER B 334 -7.92 4.26 6.86
N CYS B 335 -8.81 5.19 6.51
CA CYS B 335 -9.39 6.08 7.51
C CYS B 335 -10.52 6.88 6.88
N LEU B 336 -11.58 7.09 7.65
CA LEU B 336 -12.64 8.01 7.26
C LEU B 336 -13.41 8.41 8.51
N GLY B 337 -14.15 9.51 8.39
CA GLY B 337 -14.89 10.05 9.50
C GLY B 337 -16.02 10.93 9.04
N VAL B 338 -17.02 11.10 9.91
CA VAL B 338 -18.20 11.89 9.62
C VAL B 338 -18.27 13.04 10.61
N THR B 339 -18.66 14.21 10.13
CA THR B 339 -18.71 15.40 10.96
C THR B 339 -19.72 15.24 12.08
N ASP B 340 -19.58 16.09 13.10
CA ASP B 340 -20.50 16.04 14.23
C ASP B 340 -21.92 16.38 13.81
N ASP B 341 -22.07 17.36 12.93
CA ASP B 341 -23.38 17.71 12.39
C ASP B 341 -23.78 16.84 11.20
N GLY B 342 -22.91 15.93 10.77
CA GLY B 342 -23.23 15.05 9.67
C GLY B 342 -23.28 15.72 8.31
N MET B 343 -22.62 16.86 8.16
CA MET B 343 -22.68 17.58 6.89
C MET B 343 -21.82 16.91 5.82
N ALA B 344 -20.62 16.47 6.19
CA ALA B 344 -19.69 15.94 5.20
C ALA B 344 -18.93 14.76 5.80
N VAL B 345 -18.37 13.94 4.91
CA VAL B 345 -17.56 12.79 5.31
C VAL B 345 -16.18 12.94 4.69
N ALA B 346 -15.15 12.79 5.51
CA ALA B 346 -13.76 12.90 5.08
C ALA B 346 -13.15 11.51 4.99
N THR B 347 -12.52 11.21 3.86
CA THR B 347 -11.83 9.94 3.67
C THR B 347 -10.38 10.19 3.32
N GLY B 348 -9.47 9.60 4.10
CA GLY B 348 -8.08 9.54 3.75
C GLY B 348 -7.78 8.34 2.90
N SER B 349 -6.52 8.22 2.49
CA SER B 349 -6.12 7.12 1.63
C SER B 349 -4.61 7.00 1.65
N TRP B 350 -4.13 5.88 1.11
CA TRP B 350 -2.70 5.65 0.99
C TRP B 350 -2.07 6.38 -0.19
N ASP B 351 -2.88 7.07 -1.00
CA ASP B 351 -2.35 7.90 -2.08
C ASP B 351 -2.05 9.32 -1.62
N SER B 352 -1.99 9.55 -0.30
CA SER B 352 -1.66 10.86 0.29
C SER B 352 -2.68 11.92 -0.07
N PHE B 353 -3.94 11.55 -0.25
CA PHE B 353 -5.00 12.49 -0.58
C PHE B 353 -6.16 12.34 0.38
N LEU B 354 -6.67 13.47 0.86
CA LEU B 354 -7.88 13.51 1.65
C LEU B 354 -9.02 14.03 0.78
N LYS B 355 -10.20 13.45 0.93
CA LYS B 355 -11.34 13.87 0.13
C LYS B 355 -12.53 14.12 1.03
N ILE B 356 -13.17 15.28 0.84
CA ILE B 356 -14.38 15.64 1.55
C ILE B 356 -15.56 15.44 0.61
N TRP B 357 -16.45 14.53 0.96
CA TRP B 357 -17.64 14.20 0.20
C TRP B 357 -18.88 14.72 0.92
N ASN B 358 -19.87 15.11 0.12
CA ASN B 358 -21.12 15.62 0.65
C ASN B 358 -22.26 15.32 -0.32
N SER C 4 -1.14 -19.52 31.14
CA SER C 4 -0.85 -20.33 32.31
C SER C 4 -2.11 -20.52 33.16
N ILE C 5 -1.91 -20.95 34.41
CA ILE C 5 -3.04 -21.17 35.30
C ILE C 5 -3.68 -19.85 35.70
N ALA C 6 -2.86 -18.80 35.89
CA ALA C 6 -3.39 -17.50 36.24
C ALA C 6 -4.29 -16.97 35.13
N GLN C 7 -3.86 -17.09 33.88
CA GLN C 7 -4.71 -16.72 32.75
C GLN C 7 -6.00 -17.52 32.74
N ALA C 8 -5.92 -18.80 33.11
CA ALA C 8 -7.12 -19.64 33.13
C ALA C 8 -8.13 -19.13 34.16
N ARG C 9 -7.68 -18.84 35.38
CA ARG C 9 -8.65 -18.38 36.37
C ARG C 9 -9.17 -16.98 36.03
N LYS C 10 -8.32 -16.10 35.49
CA LYS C 10 -8.81 -14.80 35.08
C LYS C 10 -9.86 -14.91 33.99
N LEU C 11 -9.62 -15.79 33.00
CA LEU C 11 -10.59 -15.99 31.94
C LEU C 11 -11.90 -16.55 32.48
N VAL C 12 -11.82 -17.51 33.39
CA VAL C 12 -13.04 -18.11 33.93
C VAL C 12 -13.83 -17.09 34.75
N GLU C 13 -13.11 -16.25 35.51
CA GLU C 13 -13.77 -15.19 36.27
C GLU C 13 -14.48 -14.22 35.34
N GLN C 14 -13.80 -13.79 34.28
CA GLN C 14 -14.42 -12.92 33.30
C GLN C 14 -15.64 -13.57 32.67
N LEU C 15 -15.56 -14.87 32.41
CA LEU C 15 -16.68 -15.58 31.81
C LEU C 15 -17.90 -15.60 32.73
N LYS C 16 -17.71 -15.90 34.02
CA LYS C 16 -18.87 -15.87 34.90
C LYS C 16 -19.44 -14.45 34.99
N MET C 17 -18.56 -13.45 35.12
CA MET C 17 -19.05 -12.08 35.25
C MET C 17 -19.83 -11.66 34.02
N GLU C 18 -19.37 -12.04 32.84
CA GLU C 18 -20.10 -11.76 31.61
C GLU C 18 -21.43 -12.51 31.58
N ALA C 19 -21.45 -13.74 32.08
CA ALA C 19 -22.68 -14.52 32.09
C ALA C 19 -23.72 -14.00 33.07
N ASN C 20 -23.30 -13.23 34.08
CA ASN C 20 -24.29 -12.75 35.06
C ASN C 20 -25.24 -11.73 34.48
N ILE C 21 -24.83 -10.95 33.48
CA ILE C 21 -25.67 -9.84 33.03
C ILE C 21 -26.92 -10.36 32.31
N ASP C 22 -27.88 -9.44 32.13
CA ASP C 22 -29.17 -9.76 31.53
C ASP C 22 -29.36 -8.98 30.24
N ARG C 23 -30.09 -9.58 29.31
CA ARG C 23 -30.28 -9.03 27.97
C ARG C 23 -31.75 -8.94 27.64
N ILE C 24 -32.16 -7.84 27.01
CA ILE C 24 -33.53 -7.68 26.53
C ILE C 24 -33.67 -8.39 25.18
N LYS C 25 -34.91 -8.54 24.72
CA LYS C 25 -35.16 -9.21 23.45
C LYS C 25 -34.51 -8.45 22.30
N VAL C 26 -34.06 -9.21 21.29
CA VAL C 26 -33.42 -8.60 20.14
C VAL C 26 -34.41 -7.73 19.38
N SER C 27 -35.69 -8.14 19.34
CA SER C 27 -36.69 -7.34 18.65
C SER C 27 -36.84 -5.96 19.29
N LYS C 28 -36.76 -5.88 20.62
CA LYS C 28 -36.89 -4.59 21.28
C LYS C 28 -35.73 -3.66 20.92
N ALA C 29 -34.51 -4.18 20.90
CA ALA C 29 -33.36 -3.37 20.50
C ALA C 29 -33.47 -2.96 19.04
N ALA C 30 -33.94 -3.85 18.18
CA ALA C 30 -34.15 -3.51 16.78
C ALA C 30 -35.17 -2.38 16.64
N ALA C 31 -36.27 -2.46 17.38
CA ALA C 31 -37.27 -1.41 17.33
C ALA C 31 -36.72 -0.10 17.85
N ASP C 32 -35.90 -0.14 18.90
CA ASP C 32 -35.29 1.08 19.41
C ASP C 32 -34.36 1.72 18.37
N LEU C 33 -33.55 0.90 17.69
CA LEU C 33 -32.69 1.43 16.65
C LEU C 33 -33.50 2.04 15.52
N MET C 34 -34.55 1.36 15.10
CA MET C 34 -35.40 1.89 14.03
C MET C 34 -36.06 3.19 14.44
N ALA C 35 -36.53 3.27 15.69
CA ALA C 35 -37.16 4.49 16.17
C ALA C 35 -36.18 5.65 16.22
N TYR C 36 -34.95 5.39 16.67
CA TYR C 36 -33.95 6.45 16.67
C TYR C 36 -33.65 6.91 15.25
N CYS C 37 -33.54 5.97 14.32
CA CYS C 37 -33.27 6.35 12.93
C CYS C 37 -34.41 7.19 12.36
N GLU C 38 -35.65 6.82 12.66
CA GLU C 38 -36.79 7.55 12.11
C GLU C 38 -36.94 8.93 12.74
N ALA C 39 -36.69 9.03 14.05
CA ALA C 39 -36.87 10.31 14.73
C ALA C 39 -35.89 11.36 14.24
N HIS C 40 -34.65 10.98 13.98
CA HIS C 40 -33.61 11.90 13.58
C HIS C 40 -33.37 11.90 12.08
N ALA C 41 -34.24 11.28 11.29
CA ALA C 41 -34.05 11.22 9.86
C ALA C 41 -34.08 12.60 9.22
N LYS C 42 -34.85 13.53 9.80
CA LYS C 42 -34.96 14.87 9.22
C LYS C 42 -33.63 15.61 9.27
N GLU C 43 -32.94 15.54 10.39
CA GLU C 43 -31.67 16.25 10.56
C GLU C 43 -30.48 15.35 10.24
N ASP C 44 -30.49 14.81 9.03
CA ASP C 44 -29.37 14.03 8.51
C ASP C 44 -29.02 14.54 7.13
N PRO C 45 -28.06 15.46 7.02
CA PRO C 45 -27.73 16.04 5.71
C PRO C 45 -27.30 15.02 4.67
N LEU C 46 -26.67 13.92 5.08
CA LEU C 46 -26.27 12.91 4.12
C LEU C 46 -27.47 12.12 3.60
N LEU C 47 -28.45 11.87 4.47
CA LEU C 47 -29.65 11.15 4.05
C LEU C 47 -30.43 11.93 2.99
N THR C 48 -30.73 13.19 3.28
CA THR C 48 -31.50 14.02 2.37
C THR C 48 -30.58 15.07 1.76
N PRO C 49 -30.33 15.03 0.45
CA PRO C 49 -29.50 16.05 -0.18
C PRO C 49 -29.91 17.45 0.25
N VAL C 50 -28.91 18.25 0.62
CA VAL C 50 -29.12 19.61 1.12
C VAL C 50 -28.86 20.59 -0.01
N PRO C 51 -29.68 21.62 -0.18
CA PRO C 51 -29.43 22.60 -1.25
C PRO C 51 -28.11 23.33 -1.05
N ALA C 52 -27.62 23.90 -2.14
CA ALA C 52 -26.34 24.62 -2.08
C ALA C 52 -26.43 25.92 -1.31
N SER C 53 -27.63 26.38 -0.97
CA SER C 53 -27.76 27.64 -0.23
C SER C 53 -27.14 27.53 1.15
N GLU C 54 -27.48 26.48 1.90
CA GLU C 54 -26.96 26.28 3.25
C GLU C 54 -25.98 25.10 3.35
N ASN C 55 -25.43 24.65 2.22
CA ASN C 55 -24.38 23.65 2.24
C ASN C 55 -23.03 24.36 2.38
N PRO C 56 -22.31 24.17 3.47
CA PRO C 56 -21.03 24.89 3.65
C PRO C 56 -19.96 24.51 2.64
N PHE C 57 -20.13 23.36 2.00
CA PHE C 57 -19.17 22.89 1.01
C PHE C 57 -19.71 23.07 -0.40
N ARG C 58 -20.25 24.26 -0.67
CA ARG C 58 -20.80 24.56 -1.99
C ARG C 58 -19.78 24.31 -3.08
N GLN D 1 -17.72 -17.70 17.39
CA GLN D 1 -16.30 -17.46 17.63
C GLN D 1 -15.44 -18.52 16.94
N VAL D 2 -14.19 -18.18 16.68
CA VAL D 2 -13.27 -19.08 15.98
C VAL D 2 -12.79 -20.13 16.97
N GLN D 3 -13.03 -21.40 16.65
CA GLN D 3 -12.67 -22.50 17.54
C GLN D 3 -12.08 -23.63 16.74
N LEU D 4 -10.85 -24.02 17.08
CA LEU D 4 -10.17 -25.15 16.45
C LEU D 4 -9.88 -26.19 17.53
N GLN D 5 -10.35 -27.41 17.33
CA GLN D 5 -10.20 -28.48 18.30
C GLN D 5 -9.43 -29.63 17.66
N GLU D 6 -8.28 -29.97 18.24
CA GLU D 6 -7.45 -31.06 17.73
C GLU D 6 -7.69 -32.32 18.55
N SER D 7 -7.63 -33.46 17.86
CA SER D 7 -7.88 -34.75 18.48
C SER D 7 -7.00 -35.80 17.84
N GLY D 8 -6.77 -36.87 18.58
CA GLY D 8 -5.88 -37.93 18.15
C GLY D 8 -4.46 -37.72 18.64
N GLY D 9 -3.73 -38.82 18.76
CA GLY D 9 -2.35 -38.74 19.18
C GLY D 9 -2.11 -38.99 20.65
N GLY D 10 -1.47 -40.12 20.96
CA GLY D 10 -1.11 -40.43 22.33
C GLY D 10 0.29 -41.03 22.40
N LEU D 11 0.42 -42.17 23.06
CA LEU D 11 1.69 -42.90 23.09
C LEU D 11 1.75 -43.84 21.90
N VAL D 12 2.82 -43.73 21.12
CA VAL D 12 3.00 -44.55 19.92
C VAL D 12 4.43 -45.08 19.91
N GLN D 13 4.56 -46.37 19.60
CA GLN D 13 5.88 -46.96 19.48
C GLN D 13 6.62 -46.35 18.29
N PRO D 14 7.94 -46.24 18.37
CA PRO D 14 8.69 -45.70 17.22
C PRO D 14 8.42 -46.50 15.95
N GLY D 15 8.31 -45.78 14.85
CA GLY D 15 7.92 -46.38 13.58
C GLY D 15 6.44 -46.61 13.41
N GLY D 16 5.62 -46.22 14.38
CA GLY D 16 4.19 -46.41 14.29
C GLY D 16 3.50 -45.34 13.48
N SER D 17 2.17 -45.42 13.45
CA SER D 17 1.35 -44.50 12.68
C SER D 17 0.39 -43.76 13.61
N LEU D 18 0.00 -42.56 13.20
CA LEU D 18 -0.88 -41.71 13.98
C LEU D 18 -1.70 -40.85 13.03
N ARG D 19 -2.88 -40.43 13.50
CA ARG D 19 -3.72 -39.52 12.74
C ARG D 19 -4.21 -38.41 13.66
N LEU D 20 -4.00 -37.17 13.23
CA LEU D 20 -4.43 -35.99 13.96
C LEU D 20 -5.55 -35.32 13.17
N SER D 21 -6.67 -35.04 13.85
CA SER D 21 -7.82 -34.44 13.21
C SER D 21 -8.15 -33.12 13.88
N CYS D 22 -8.27 -32.07 13.08
CA CYS D 22 -8.59 -30.73 13.55
C CYS D 22 -9.97 -30.36 13.04
N ALA D 23 -10.90 -30.12 13.96
CA ALA D 23 -12.25 -29.70 13.64
C ALA D 23 -12.38 -28.21 13.88
N ALA D 24 -12.87 -27.49 12.88
CA ALA D 24 -12.94 -26.04 12.90
C ALA D 24 -14.39 -25.58 12.93
N SER D 25 -14.64 -24.50 13.67
CA SER D 25 -15.97 -23.92 13.73
C SER D 25 -15.83 -22.41 13.89
N GLY D 26 -16.83 -21.68 13.40
CA GLY D 26 -16.86 -20.24 13.50
C GLY D 26 -16.35 -19.49 12.30
N PHE D 27 -16.02 -20.18 11.22
CA PHE D 27 -15.55 -19.51 10.00
C PHE D 27 -15.74 -20.46 8.82
N THR D 28 -15.69 -19.89 7.63
CA THR D 28 -15.77 -20.65 6.40
C THR D 28 -14.44 -21.36 6.18
N PHE D 29 -14.44 -22.69 6.25
CA PHE D 29 -13.20 -23.45 6.19
C PHE D 29 -12.49 -23.26 4.85
N SER D 30 -13.24 -23.28 3.76
CA SER D 30 -12.62 -23.31 2.43
C SER D 30 -11.91 -22.00 2.07
N ASN D 31 -12.19 -20.92 2.80
CA ASN D 31 -11.59 -19.64 2.45
C ASN D 31 -10.18 -19.47 3.00
N TYR D 32 -9.74 -20.34 3.91
CA TYR D 32 -8.50 -20.14 4.62
C TYR D 32 -7.50 -21.26 4.34
N LYS D 33 -6.23 -20.92 4.42
CA LYS D 33 -5.15 -21.88 4.30
C LYS D 33 -4.79 -22.40 5.68
N MET D 34 -4.71 -23.71 5.82
CA MET D 34 -4.51 -24.33 7.12
C MET D 34 -3.06 -24.71 7.33
N ASN D 35 -2.66 -24.79 8.59
CA ASN D 35 -1.29 -25.07 8.97
C ASN D 35 -1.29 -26.07 10.11
N TRP D 36 -0.26 -26.92 10.13
CA TRP D 36 0.05 -27.75 11.29
C TRP D 36 1.39 -27.28 11.83
N VAL D 37 1.41 -26.90 13.10
CA VAL D 37 2.63 -26.50 13.78
C VAL D 37 2.81 -27.40 14.99
N ARG D 38 4.00 -27.35 15.58
CA ARG D 38 4.28 -28.18 16.74
C ARG D 38 5.23 -27.46 17.67
N GLN D 39 5.20 -27.86 18.93
CA GLN D 39 6.07 -27.33 19.97
C GLN D 39 6.67 -28.49 20.73
N ALA D 40 7.97 -28.70 20.57
CA ALA D 40 8.70 -29.71 21.32
C ALA D 40 8.89 -29.24 22.76
N PRO D 41 9.15 -30.17 23.69
CA PRO D 41 9.36 -29.77 25.09
C PRO D 41 10.53 -28.82 25.25
N GLY D 42 10.25 -27.59 25.66
CA GLY D 42 11.28 -26.58 25.85
C GLY D 42 12.01 -26.19 24.59
N LYS D 43 11.28 -26.01 23.48
CA LYS D 43 11.89 -25.62 22.23
C LYS D 43 11.18 -24.50 21.49
N GLY D 44 9.89 -24.27 21.74
CA GLY D 44 9.17 -23.24 21.04
C GLY D 44 8.46 -23.76 19.81
N LEU D 45 7.48 -22.97 19.36
CA LEU D 45 6.66 -23.38 18.22
C LEU D 45 7.50 -23.46 16.96
N GLU D 46 7.26 -24.49 16.16
CA GLU D 46 7.92 -24.65 14.87
C GLU D 46 6.89 -25.08 13.83
N TRP D 47 7.10 -24.64 12.60
CA TRP D 47 6.16 -24.92 11.53
C TRP D 47 6.41 -26.32 10.97
N VAL D 48 5.35 -27.09 10.82
CA VAL D 48 5.44 -28.46 10.33
C VAL D 48 4.97 -28.58 8.89
N SER D 49 3.74 -28.16 8.59
CA SER D 49 3.25 -28.27 7.23
C SER D 49 2.09 -27.30 7.04
N ASP D 50 1.67 -27.15 5.78
CA ASP D 50 0.54 -26.29 5.49
C ASP D 50 -0.13 -26.78 4.20
N ILE D 51 -1.40 -26.42 4.06
CA ILE D 51 -2.18 -26.75 2.87
C ILE D 51 -3.05 -25.55 2.52
N SER D 52 -3.12 -25.25 1.22
CA SER D 52 -3.88 -24.10 0.76
C SER D 52 -5.37 -24.44 0.70
N GLN D 53 -6.16 -23.48 0.22
CA GLN D 53 -7.58 -23.71 0.02
C GLN D 53 -7.78 -24.76 -1.07
N SER D 54 -8.62 -25.76 -0.77
CA SER D 54 -8.89 -26.87 -1.67
C SER D 54 -7.63 -27.67 -2.01
N GLY D 55 -6.65 -27.69 -1.11
CA GLY D 55 -5.42 -28.41 -1.37
C GLY D 55 -4.63 -27.80 -2.51
N ALA D 56 -3.94 -28.67 -3.25
CA ALA D 56 -3.20 -28.38 -4.47
C ALA D 56 -1.96 -27.51 -4.26
N SER D 57 -1.67 -27.08 -3.04
CA SER D 57 -0.45 -26.35 -2.75
C SER D 57 0.17 -26.85 -1.45
N ILE D 58 0.23 -28.17 -1.31
CA ILE D 58 0.77 -28.78 -0.11
C ILE D 58 2.27 -28.52 -0.01
N SER D 59 2.74 -28.33 1.22
CA SER D 59 4.16 -28.18 1.48
C SER D 59 4.46 -28.62 2.90
N TYR D 60 5.66 -29.17 3.10
CA TYR D 60 6.06 -29.70 4.39
C TYR D 60 7.44 -29.15 4.76
N THR D 61 7.75 -29.21 6.04
CA THR D 61 9.11 -28.96 6.48
C THR D 61 9.99 -30.17 6.11
N GLY D 62 11.29 -29.90 5.99
CA GLY D 62 12.19 -30.92 5.48
C GLY D 62 12.25 -32.16 6.36
N SER D 63 12.14 -31.99 7.68
CA SER D 63 12.32 -33.11 8.59
C SER D 63 11.24 -34.18 8.40
N VAL D 64 10.02 -33.77 8.07
CA VAL D 64 8.89 -34.69 7.97
C VAL D 64 8.43 -34.85 6.52
N LYS D 65 9.26 -34.46 5.55
CA LYS D 65 8.82 -34.38 4.17
C LYS D 65 8.40 -35.75 3.64
N GLY D 66 9.16 -36.79 3.95
CA GLY D 66 8.87 -38.10 3.39
C GLY D 66 7.83 -38.91 4.14
N ARG D 67 7.47 -38.49 5.35
CA ARG D 67 6.62 -39.30 6.22
C ARG D 67 5.23 -38.69 6.44
N PHE D 68 5.16 -37.44 6.87
CA PHE D 68 3.89 -36.81 7.19
C PHE D 68 3.14 -36.44 5.92
N THR D 69 1.81 -36.55 5.97
CA THR D 69 0.97 -36.07 4.88
C THR D 69 -0.20 -35.29 5.46
N ILE D 70 -0.56 -34.18 4.83
CA ILE D 70 -1.62 -33.31 5.31
C ILE D 70 -2.71 -33.24 4.25
N SER D 71 -3.97 -33.31 4.69
CA SER D 71 -5.11 -33.24 3.81
C SER D 71 -6.19 -32.41 4.48
N ARG D 72 -7.20 -32.02 3.70
CA ARG D 72 -8.30 -31.24 4.25
C ARG D 72 -9.59 -31.64 3.57
N ASP D 73 -10.69 -31.56 4.31
CA ASP D 73 -12.03 -31.80 3.80
C ASP D 73 -12.83 -30.52 4.04
N ASN D 74 -13.00 -29.73 2.98
CA ASN D 74 -13.74 -28.49 3.07
C ASN D 74 -15.21 -28.75 3.38
N ALA D 75 -15.80 -29.77 2.75
CA ALA D 75 -17.18 -30.11 3.03
C ALA D 75 -17.37 -30.54 4.48
N LYS D 76 -16.43 -31.31 5.01
CA LYS D 76 -16.48 -31.75 6.40
C LYS D 76 -15.87 -30.75 7.36
N ASN D 77 -15.29 -29.65 6.85
CA ASN D 77 -14.70 -28.61 7.69
C ASN D 77 -13.63 -29.17 8.61
N THR D 78 -12.77 -30.04 8.07
CA THR D 78 -11.82 -30.77 8.89
C THR D 78 -10.44 -30.76 8.25
N LEU D 79 -9.41 -30.82 9.08
CA LEU D 79 -8.02 -30.91 8.64
C LEU D 79 -7.40 -32.18 9.19
N TYR D 80 -6.63 -32.88 8.38
CA TYR D 80 -6.07 -34.16 8.77
C TYR D 80 -4.56 -34.17 8.58
N LEU D 81 -3.85 -34.78 9.52
CA LEU D 81 -2.42 -35.02 9.41
C LEU D 81 -2.16 -36.49 9.73
N GLN D 82 -1.59 -37.20 8.76
CA GLN D 82 -1.24 -38.60 8.93
C GLN D 82 0.26 -38.71 9.10
N MET D 83 0.68 -39.40 10.15
CA MET D 83 2.09 -39.55 10.52
C MET D 83 2.40 -41.04 10.50
N ASN D 84 2.92 -41.52 9.37
CA ASN D 84 3.03 -42.95 9.15
C ASN D 84 4.28 -43.59 9.73
N SER D 85 5.37 -42.83 9.88
CA SER D 85 6.64 -43.38 10.39
C SER D 85 7.17 -42.44 11.48
N LEU D 86 6.71 -42.67 12.71
CA LEU D 86 7.12 -41.80 13.81
C LEU D 86 8.55 -42.08 14.23
N LYS D 87 9.22 -41.03 14.70
CA LYS D 87 10.56 -41.09 15.25
C LYS D 87 10.59 -40.38 16.59
N PRO D 88 11.51 -40.76 17.49
CA PRO D 88 11.45 -40.24 18.87
C PRO D 88 11.53 -38.72 18.98
N GLU D 89 12.27 -38.05 18.10
CA GLU D 89 12.52 -36.63 18.30
C GLU D 89 11.34 -35.74 17.91
N ASP D 90 10.29 -36.29 17.31
CA ASP D 90 9.10 -35.49 17.01
C ASP D 90 8.02 -35.61 18.08
N THR D 91 8.42 -35.87 19.33
CA THR D 91 7.50 -35.80 20.45
C THR D 91 7.23 -34.33 20.77
N ALA D 92 5.97 -33.92 20.63
CA ALA D 92 5.65 -32.50 20.76
C ALA D 92 4.15 -32.35 20.94
N VAL D 93 3.76 -31.12 21.27
CA VAL D 93 2.36 -30.73 21.25
C VAL D 93 2.06 -30.18 19.86
N TYR D 94 1.09 -30.78 19.19
CA TYR D 94 0.75 -30.40 17.82
C TYR D 94 -0.47 -29.49 17.82
N TYR D 95 -0.40 -28.41 17.06
CA TYR D 95 -1.46 -27.42 16.98
C TYR D 95 -1.93 -27.27 15.53
N CYS D 96 -3.24 -27.14 15.38
CA CYS D 96 -3.88 -26.77 14.12
C CYS D 96 -4.06 -25.27 14.09
N ALA D 97 -3.40 -24.61 13.14
CA ALA D 97 -3.44 -23.16 13.03
C ALA D 97 -4.17 -22.74 11.77
N ARG D 98 -5.01 -21.72 11.89
CA ARG D 98 -5.67 -21.09 10.76
C ARG D 98 -5.04 -19.72 10.58
N CYS D 99 -4.40 -19.55 9.42
CA CYS D 99 -3.82 -18.26 8.98
C CYS D 99 -4.82 -17.11 9.10
N PRO D 100 -4.34 -15.91 9.47
CA PRO D 100 -5.18 -14.75 9.78
C PRO D 100 -6.11 -14.21 8.69
N ALA D 101 -5.71 -14.15 7.44
CA ALA D 101 -6.59 -13.60 6.41
C ALA D 101 -7.02 -14.57 5.31
N PRO D 102 -8.31 -14.54 4.96
CA PRO D 102 -8.91 -15.36 3.90
C PRO D 102 -8.46 -14.87 2.52
N PHE D 103 -8.48 -15.76 1.53
CA PHE D 103 -8.08 -15.41 0.17
C PHE D 103 -6.71 -14.74 0.10
N THR D 104 -5.74 -15.34 0.78
CA THR D 104 -4.37 -14.83 0.84
C THR D 104 -3.40 -15.97 0.59
N ARG D 105 -2.44 -15.71 -0.31
CA ARG D 105 -1.37 -16.66 -0.55
C ARG D 105 -0.31 -16.62 0.53
N ASP D 106 -0.25 -15.54 1.30
CA ASP D 106 0.67 -15.39 2.41
C ASP D 106 -0.13 -15.43 3.70
N CYS D 107 0.49 -15.88 4.78
CA CYS D 107 -0.12 -15.81 6.10
C CYS D 107 0.93 -15.84 7.19
N PHE D 108 0.67 -15.09 8.26
CA PHE D 108 1.69 -14.58 9.16
C PHE D 108 1.50 -15.16 10.56
N ASP D 109 2.61 -15.33 11.28
CA ASP D 109 2.62 -15.46 12.73
C ASP D 109 1.84 -16.67 13.24
N VAL D 110 1.82 -17.76 12.48
CA VAL D 110 1.24 -18.99 13.03
C VAL D 110 2.13 -19.55 14.13
N THR D 111 3.45 -19.47 13.94
CA THR D 111 4.37 -20.02 14.93
C THR D 111 4.57 -19.07 16.10
N SER D 112 4.13 -17.81 15.96
CA SER D 112 4.28 -16.86 17.05
C SER D 112 3.46 -17.31 18.26
N THR D 113 4.03 -17.14 19.44
CA THR D 113 3.30 -17.49 20.65
C THR D 113 2.16 -16.51 20.88
N THR D 114 1.18 -16.95 21.67
CA THR D 114 -0.03 -16.17 21.92
C THR D 114 -0.72 -15.78 20.62
N TYR D 115 -0.83 -16.74 19.70
CA TYR D 115 -1.53 -16.53 18.44
C TYR D 115 -3.00 -16.88 18.60
N ALA D 116 -3.87 -16.01 18.08
CA ALA D 116 -5.29 -16.11 18.38
C ALA D 116 -5.94 -17.31 17.69
N TYR D 117 -5.68 -17.49 16.40
CA TYR D 117 -6.41 -18.49 15.61
C TYR D 117 -5.67 -19.82 15.61
N ARG D 118 -5.41 -20.33 16.81
CA ARG D 118 -4.70 -21.58 17.00
C ARG D 118 -5.45 -22.43 18.02
N GLY D 119 -5.39 -23.74 17.84
CA GLY D 119 -6.05 -24.67 18.73
C GLY D 119 -5.28 -24.89 20.01
N GLN D 120 -5.86 -25.73 20.87
CA GLN D 120 -5.21 -26.09 22.13
C GLN D 120 -4.08 -27.07 21.93
N GLY D 121 -4.15 -27.91 20.91
CA GLY D 121 -3.07 -28.84 20.62
C GLY D 121 -3.20 -30.15 21.36
N THR D 122 -2.59 -31.19 20.80
CA THR D 122 -2.58 -32.52 21.39
C THR D 122 -1.16 -33.00 21.59
N GLN D 123 -0.92 -33.66 22.71
CA GLN D 123 0.38 -34.26 22.98
C GLN D 123 0.57 -35.50 22.11
N VAL D 124 1.71 -35.59 21.44
CA VAL D 124 2.10 -36.77 20.69
C VAL D 124 3.49 -37.15 21.19
N THR D 125 3.59 -38.32 21.80
CA THR D 125 4.84 -38.79 22.39
C THR D 125 5.24 -40.11 21.77
N VAL D 126 6.50 -40.23 21.40
CA VAL D 126 7.05 -41.45 20.82
C VAL D 126 8.19 -41.91 21.71
N SER D 127 8.02 -43.09 22.32
CA SER D 127 9.04 -43.63 23.21
C SER D 127 8.80 -45.13 23.35
N SER D 128 9.82 -45.83 23.84
CA SER D 128 9.74 -47.27 24.04
C SER D 128 8.78 -47.63 25.16
N GLN E 3 6.86 8.68 -56.38
CA GLN E 3 6.42 9.90 -57.04
C GLN E 3 6.11 11.00 -56.02
N MET E 4 6.25 12.26 -56.44
CA MET E 4 5.97 13.38 -55.55
C MET E 4 4.48 13.43 -55.19
N MET E 5 3.60 13.12 -56.14
CA MET E 5 2.17 13.20 -55.89
C MET E 5 1.74 12.23 -54.79
N ALA E 6 2.28 11.01 -54.81
CA ALA E 6 1.94 10.04 -53.77
C ALA E 6 2.43 10.50 -52.41
N LEU E 7 3.60 11.15 -52.36
CA LEU E 7 4.15 11.61 -51.10
C LEU E 7 3.21 12.58 -50.40
N THR E 8 2.59 13.48 -51.16
CA THR E 8 1.65 14.42 -50.58
C THR E 8 0.46 13.69 -49.96
N PHE E 9 -0.06 12.67 -50.65
CA PHE E 9 -1.20 11.92 -50.13
C PHE E 9 -0.83 11.19 -48.85
N ILE E 10 0.32 10.52 -48.84
CA ILE E 10 0.75 9.80 -47.63
C ILE E 10 0.95 10.77 -46.48
N THR E 11 1.57 11.92 -46.75
CA THR E 11 1.79 12.90 -45.69
C THR E 11 0.47 13.43 -45.14
N TYR E 12 -0.50 13.71 -46.02
CA TYR E 12 -1.78 14.21 -45.55
C TYR E 12 -2.50 13.17 -44.69
N ILE E 13 -2.51 11.91 -45.13
CA ILE E 13 -3.18 10.86 -44.37
C ILE E 13 -2.49 10.69 -43.01
N GLY E 14 -1.16 10.64 -43.01
CA GLY E 14 -0.45 10.46 -41.75
C GLY E 14 -0.67 11.61 -40.79
N CYS E 15 -0.64 12.84 -41.30
CA CYS E 15 -0.86 14.00 -40.43
C CYS E 15 -2.28 14.02 -39.88
N GLY E 16 -3.26 13.67 -40.71
CA GLY E 16 -4.63 13.63 -40.21
C GLY E 16 -4.81 12.59 -39.13
N LEU E 17 -4.30 11.37 -39.37
CA LEU E 17 -4.41 10.32 -38.36
C LEU E 17 -3.71 10.72 -37.07
N SER E 18 -2.51 11.28 -37.19
CA SER E 18 -1.77 11.70 -36.01
C SER E 18 -2.49 12.79 -35.24
N SER E 19 -3.05 13.77 -35.94
CA SER E 19 -3.77 14.84 -35.25
C SER E 19 -4.98 14.28 -34.52
N ILE E 20 -5.75 13.41 -35.17
CA ILE E 20 -6.94 12.86 -34.54
C ILE E 20 -6.57 12.06 -33.30
N PHE E 21 -5.61 11.15 -33.43
CA PHE E 21 -5.30 10.29 -32.30
C PHE E 21 -4.49 11.00 -31.22
N LEU E 22 -3.76 12.07 -31.57
CA LEU E 22 -3.10 12.87 -30.54
C LEU E 22 -4.11 13.69 -29.76
N SER E 23 -5.16 14.19 -30.42
CA SER E 23 -6.23 14.84 -29.68
C SER E 23 -6.91 13.84 -28.76
N VAL E 24 -7.12 12.61 -29.23
CA VAL E 24 -7.70 11.57 -28.37
C VAL E 24 -6.81 11.33 -27.15
N THR E 25 -5.51 11.20 -27.38
CA THR E 25 -4.59 10.96 -26.28
C THR E 25 -4.57 12.12 -25.29
N LEU E 26 -4.59 13.35 -25.81
CA LEU E 26 -4.57 14.52 -24.93
C LEU E 26 -5.83 14.59 -24.07
N VAL E 27 -7.00 14.39 -24.68
CA VAL E 27 -8.21 14.44 -23.87
C VAL E 27 -8.26 13.28 -22.88
N THR E 28 -7.74 12.11 -23.25
CA THR E 28 -7.70 11.00 -22.30
C THR E 28 -6.78 11.30 -21.13
N TYR E 29 -5.61 11.86 -21.39
CA TYR E 29 -4.63 12.09 -20.32
C TYR E 29 -4.95 13.34 -19.51
N ILE E 30 -5.79 14.24 -20.01
CA ILE E 30 -6.17 15.40 -19.24
C ILE E 30 -7.45 15.15 -18.44
N ALA E 31 -8.43 14.45 -19.04
CA ALA E 31 -9.68 14.21 -18.34
C ALA E 31 -9.47 13.35 -17.09
N PHE E 32 -8.64 12.32 -17.19
CA PHE E 32 -8.40 11.40 -16.10
C PHE E 32 -7.08 11.75 -15.43
N GLU E 33 -7.16 12.31 -14.22
CA GLU E 33 -5.97 12.70 -13.47
C GLU E 33 -5.25 11.50 -12.88
N LYS E 34 -5.92 10.36 -12.77
CA LYS E 34 -5.34 9.19 -12.13
C LYS E 34 -4.16 8.62 -12.90
N ILE E 35 -4.03 8.92 -14.19
CA ILE E 35 -3.01 8.32 -15.03
C ILE E 35 -1.86 9.26 -15.33
N ARG E 36 -1.88 10.49 -14.82
CA ARG E 36 -0.83 11.45 -15.07
C ARG E 36 -0.14 11.86 -13.78
N ARG E 37 0.03 10.92 -12.86
CA ARG E 37 0.73 11.21 -11.61
C ARG E 37 2.22 11.37 -11.82
N ASP E 38 2.83 10.46 -12.59
CA ASP E 38 4.27 10.42 -12.71
C ASP E 38 4.78 11.44 -13.71
N TYR E 39 6.08 11.72 -13.62
CA TYR E 39 6.71 12.64 -14.58
C TYR E 39 6.62 12.16 -16.02
N PRO E 40 6.86 10.88 -16.35
CA PRO E 40 6.74 10.47 -17.76
C PRO E 40 5.40 10.76 -18.37
N SER E 41 4.30 10.61 -17.62
CA SER E 41 2.98 10.91 -18.18
C SER E 41 2.83 12.40 -18.49
N LYS E 42 3.33 13.27 -17.63
CA LYS E 42 3.24 14.70 -17.88
C LYS E 42 4.10 15.10 -19.08
N ILE E 43 5.30 14.53 -19.17
CA ILE E 43 6.15 14.81 -20.34
C ILE E 43 5.49 14.29 -21.61
N LEU E 44 4.81 13.14 -21.52
CA LEU E 44 4.08 12.61 -22.66
C LEU E 44 2.95 13.55 -23.06
N ILE E 45 2.24 14.12 -22.09
CA ILE E 45 1.19 15.08 -22.39
C ILE E 45 1.76 16.27 -23.14
N GLN E 46 2.88 16.81 -22.66
CA GLN E 46 3.49 17.95 -23.31
C GLN E 46 3.94 17.62 -24.73
N LEU E 47 4.56 16.45 -24.92
CA LEU E 47 5.00 16.05 -26.24
C LEU E 47 3.82 15.85 -27.19
N CYS E 48 2.73 15.25 -26.69
CA CYS E 48 1.55 15.06 -27.52
C CYS E 48 0.95 16.39 -27.94
N ALA E 49 0.89 17.36 -27.02
CA ALA E 49 0.39 18.68 -27.37
C ALA E 49 1.26 19.32 -28.44
N ALA E 50 2.59 19.25 -28.28
CA ALA E 50 3.48 19.85 -29.27
C ALA E 50 3.33 19.18 -30.63
N LEU E 51 3.24 17.85 -30.65
CA LEU E 51 3.11 17.14 -31.91
C LEU E 51 1.78 17.43 -32.58
N LEU E 52 0.69 17.53 -31.79
CA LEU E 52 -0.60 17.86 -32.36
C LEU E 52 -0.57 19.25 -32.99
N LEU E 53 0.01 20.23 -32.29
CA LEU E 53 0.10 21.56 -32.86
C LEU E 53 0.93 21.58 -34.14
N LEU E 54 2.06 20.86 -34.12
CA LEU E 54 2.92 20.80 -35.31
C LEU E 54 2.17 20.21 -36.49
N ASN E 55 1.47 19.09 -36.28
CA ASN E 55 0.75 18.44 -37.36
C ASN E 55 -0.38 19.31 -37.88
N LEU E 56 -1.11 19.96 -36.98
CA LEU E 56 -2.22 20.82 -37.40
C LEU E 56 -1.71 22.00 -38.22
N ILE E 57 -0.63 22.65 -37.76
CA ILE E 57 -0.12 23.80 -38.50
C ILE E 57 0.48 23.36 -39.84
N PHE E 58 1.12 22.19 -39.87
CA PHE E 58 1.64 21.71 -41.14
C PHE E 58 0.51 21.44 -42.13
N LEU E 59 -0.57 20.83 -41.66
CA LEU E 59 -1.72 20.60 -42.53
C LEU E 59 -2.31 21.92 -43.02
N LEU E 60 -2.44 22.89 -42.13
CA LEU E 60 -2.98 24.19 -42.52
C LEU E 60 -2.09 24.87 -43.55
N ASP E 61 -0.78 24.82 -43.36
CA ASP E 61 0.15 25.45 -44.30
C ASP E 61 0.10 24.76 -45.66
N SER E 62 0.07 23.42 -45.67
CA SER E 62 0.04 22.71 -46.94
C SER E 62 -1.27 22.94 -47.68
N TRP E 63 -2.40 22.92 -46.97
CA TRP E 63 -3.69 23.07 -47.62
C TRP E 63 -3.89 24.48 -48.15
N ILE E 64 -3.61 25.49 -47.34
CA ILE E 64 -3.86 26.87 -47.73
C ILE E 64 -2.81 27.28 -48.75
N ALA E 65 -3.22 28.14 -49.69
CA ALA E 65 -2.33 28.64 -50.73
C ALA E 65 -2.43 30.16 -50.70
N LEU E 66 -1.60 30.79 -49.87
CA LEU E 66 -1.58 32.24 -49.73
C LEU E 66 -0.19 32.74 -50.12
N TYR E 67 -0.13 33.65 -51.08
CA TYR E 67 1.12 34.24 -51.52
C TYR E 67 1.01 35.72 -51.85
N ASN E 68 -0.19 36.31 -51.74
CA ASN E 68 -0.34 37.76 -51.85
C ASN E 68 -0.29 38.45 -50.49
N THR E 69 -0.08 37.70 -49.41
CA THR E 69 -0.04 38.26 -48.06
C THR E 69 1.31 37.89 -47.45
N ARG E 70 2.24 38.85 -47.46
CA ARG E 70 3.57 38.60 -46.91
C ARG E 70 3.50 38.31 -45.41
N GLY E 71 2.73 39.11 -44.68
CA GLY E 71 2.68 38.97 -43.23
C GLY E 71 2.11 37.63 -42.79
N PHE E 72 1.03 37.20 -43.43
CA PHE E 72 0.42 35.93 -43.05
C PHE E 72 1.34 34.75 -43.37
N CYS E 73 2.01 34.79 -44.52
CA CYS E 73 2.94 33.73 -44.86
C CYS E 73 4.11 33.68 -43.87
N ILE E 74 4.64 34.86 -43.51
CA ILE E 74 5.72 34.90 -42.53
C ILE E 74 5.27 34.34 -41.19
N ALA E 75 4.06 34.72 -40.76
CA ALA E 75 3.55 34.23 -39.48
C ALA E 75 3.36 32.71 -39.50
N VAL E 76 2.82 32.18 -40.60
CA VAL E 76 2.61 30.74 -40.69
C VAL E 76 3.95 30.00 -40.67
N ALA E 77 4.93 30.50 -41.42
CA ALA E 77 6.24 29.86 -41.43
C ALA E 77 6.90 29.91 -40.05
N VAL E 78 6.77 31.06 -39.37
CA VAL E 78 7.35 31.18 -38.03
C VAL E 78 6.70 30.19 -37.07
N PHE E 79 5.38 30.07 -37.12
CA PHE E 79 4.71 29.15 -36.22
C PHE E 79 5.06 27.71 -36.53
N LEU E 80 5.18 27.36 -37.81
CA LEU E 80 5.57 25.99 -38.17
C LEU E 80 6.97 25.68 -37.66
N HIS E 81 7.92 26.61 -37.86
CA HIS E 81 9.28 26.41 -37.37
C HIS E 81 9.29 26.27 -35.85
N TYR E 82 8.54 27.13 -35.16
CA TYR E 82 8.51 27.07 -33.69
C TYR E 82 7.95 25.76 -33.20
N PHE E 83 6.88 25.26 -33.83
CA PHE E 83 6.27 24.02 -33.38
C PHE E 83 7.19 22.83 -33.66
N LEU E 84 7.88 22.83 -34.81
CA LEU E 84 8.85 21.79 -35.08
C LEU E 84 9.96 21.79 -34.03
N LEU E 85 10.49 22.97 -33.71
CA LEU E 85 11.54 23.05 -32.71
C LEU E 85 11.05 22.62 -31.34
N VAL E 86 9.81 22.96 -30.99
CA VAL E 86 9.25 22.55 -29.70
C VAL E 86 9.14 21.03 -29.64
N SER E 87 8.70 20.41 -30.73
CA SER E 87 8.62 18.94 -30.75
C SER E 87 9.99 18.31 -30.57
N PHE E 88 10.99 18.83 -31.28
CA PHE E 88 12.35 18.30 -31.12
C PHE E 88 12.84 18.48 -29.68
N THR E 89 12.58 19.65 -29.10
CA THR E 89 13.04 19.92 -27.75
C THR E 89 12.34 19.01 -26.74
N TRP E 90 11.08 18.69 -26.98
CA TRP E 90 10.38 17.81 -26.05
C TRP E 90 10.87 16.38 -26.16
N MET E 91 11.23 15.93 -27.37
CA MET E 91 11.89 14.63 -27.48
C MET E 91 13.22 14.62 -26.73
N GLY E 92 14.00 15.69 -26.88
CA GLY E 92 15.25 15.78 -26.14
C GLY E 92 15.04 15.81 -24.64
N LEU E 93 13.97 16.46 -24.18
CA LEU E 93 13.68 16.52 -22.76
C LEU E 93 13.23 15.17 -22.24
N GLU E 94 12.50 14.40 -23.05
CA GLU E 94 12.20 13.02 -22.69
C GLU E 94 13.48 12.23 -22.50
N ALA E 95 14.44 12.40 -23.42
CA ALA E 95 15.72 11.72 -23.26
C ALA E 95 16.44 12.17 -21.99
N PHE E 96 16.40 13.46 -21.69
CA PHE E 96 17.08 13.96 -20.50
C PHE E 96 16.44 13.44 -19.23
N HIS E 97 15.12 13.28 -19.23
CA HIS E 97 14.45 12.73 -18.07
C HIS E 97 14.87 11.27 -17.93
N MET E 98 15.04 10.60 -19.06
CA MET E 98 15.46 9.20 -19.06
C MET E 98 16.83 9.12 -18.38
N TYR E 99 17.71 10.04 -18.75
CA TYR E 99 19.05 10.09 -18.16
C TYR E 99 18.97 10.33 -16.66
N LEU E 100 18.13 11.27 -16.24
CA LEU E 100 18.01 11.59 -14.82
C LEU E 100 17.31 10.50 -14.03
N ALA E 101 16.63 9.57 -14.71
CA ALA E 101 15.97 8.48 -14.01
C ALA E 101 16.75 7.18 -14.03
N LEU E 102 17.64 6.97 -14.99
CA LEU E 102 18.32 5.69 -15.11
C LEU E 102 19.82 5.76 -14.92
N VAL E 103 20.49 6.79 -15.42
CA VAL E 103 21.94 6.91 -15.25
C VAL E 103 22.28 7.50 -13.89
N LYS E 104 21.84 8.74 -13.66
CA LYS E 104 21.93 9.37 -12.34
C LYS E 104 20.67 9.02 -11.59
N VAL E 105 20.78 8.08 -10.65
CA VAL E 105 19.58 7.54 -10.02
C VAL E 105 19.23 8.27 -8.73
N PHE E 106 20.20 8.80 -8.01
CA PHE E 106 19.99 9.40 -6.71
C PHE E 106 20.05 10.92 -6.79
N ASN E 107 19.40 11.57 -5.82
CA ASN E 107 19.41 13.03 -5.69
C ASN E 107 18.89 13.71 -6.96
N THR E 108 17.85 13.14 -7.56
CA THR E 108 17.29 13.66 -8.79
C THR E 108 16.09 14.57 -8.57
N TYR E 109 15.70 14.82 -7.33
CA TYR E 109 14.53 15.67 -7.07
C TYR E 109 14.89 17.14 -7.21
N ILE E 110 14.07 17.87 -7.97
CA ILE E 110 14.16 19.32 -8.05
C ILE E 110 12.75 19.88 -8.00
N ARG E 111 12.61 21.05 -7.36
CA ARG E 111 11.31 21.69 -7.26
C ARG E 111 10.85 22.18 -8.62
N LYS E 112 9.55 22.03 -8.88
CA LYS E 112 8.93 22.43 -10.14
C LYS E 112 9.64 21.77 -11.33
N TYR E 113 9.69 20.44 -11.28
CA TYR E 113 10.35 19.68 -12.33
C TYR E 113 9.64 19.87 -13.67
N ILE E 114 8.33 19.63 -13.69
CA ILE E 114 7.58 19.76 -14.94
C ILE E 114 7.51 21.21 -15.38
N LEU E 115 7.40 22.14 -14.43
CA LEU E 115 7.36 23.55 -14.79
C LEU E 115 8.67 23.98 -15.44
N LYS E 116 9.81 23.55 -14.89
CA LYS E 116 11.10 23.88 -15.51
C LYS E 116 11.24 23.23 -16.87
N PHE E 117 10.80 21.98 -17.00
CA PHE E 117 10.85 21.33 -18.31
C PHE E 117 10.00 22.07 -19.33
N CYS E 118 8.81 22.50 -18.94
CA CYS E 118 7.96 23.27 -19.83
C CYS E 118 8.60 24.59 -20.21
N ILE E 119 9.22 25.26 -19.23
CA ILE E 119 9.90 26.52 -19.50
C ILE E 119 10.96 26.33 -20.57
N VAL E 120 11.81 25.32 -20.38
CA VAL E 120 12.88 25.08 -21.36
C VAL E 120 12.28 24.72 -22.72
N GLY E 121 11.34 23.77 -22.74
CA GLY E 121 10.84 23.23 -24.00
C GLY E 121 10.06 24.23 -24.83
N TRP E 122 9.31 25.13 -24.18
CA TRP E 122 8.58 26.15 -24.90
C TRP E 122 9.27 27.49 -24.94
N GLY E 123 10.45 27.62 -24.32
CA GLY E 123 11.17 28.88 -24.38
C GLY E 123 12.33 28.88 -25.33
N ILE E 124 13.14 27.81 -25.33
CA ILE E 124 14.29 27.75 -26.24
C ILE E 124 13.86 27.88 -27.70
N PRO E 125 12.87 27.11 -28.19
CA PRO E 125 12.40 27.37 -29.56
C PRO E 125 11.87 28.77 -29.76
N ALA E 126 11.19 29.33 -28.76
CA ALA E 126 10.71 30.70 -28.86
C ALA E 126 11.86 31.68 -29.00
N VAL E 127 12.92 31.48 -28.22
CA VAL E 127 14.10 32.34 -28.33
C VAL E 127 14.73 32.21 -29.72
N VAL E 128 14.83 30.98 -30.23
CA VAL E 128 15.46 30.78 -31.53
C VAL E 128 14.67 31.47 -32.63
N VAL E 129 13.34 31.29 -32.62
CA VAL E 129 12.53 31.90 -33.68
C VAL E 129 12.52 33.42 -33.54
N SER E 130 12.50 33.93 -32.31
CA SER E 130 12.57 35.37 -32.12
C SER E 130 13.88 35.94 -32.64
N ILE E 131 14.99 35.25 -32.39
CA ILE E 131 16.28 35.72 -32.87
C ILE E 131 16.31 35.73 -34.40
N VAL E 132 15.92 34.62 -35.02
CA VAL E 132 16.01 34.55 -36.47
C VAL E 132 15.06 35.55 -37.12
N LEU E 133 13.93 35.86 -36.47
CA LEU E 133 13.10 36.96 -36.92
C LEU E 133 13.82 38.30 -36.76
N THR E 134 14.57 38.45 -35.67
CA THR E 134 15.26 39.70 -35.40
C THR E 134 16.31 40.01 -36.45
N ILE E 135 17.07 39.00 -36.89
CA ILE E 135 18.05 39.24 -37.96
C ILE E 135 17.34 39.76 -39.20
N SER E 136 16.27 39.09 -39.61
CA SER E 136 15.48 39.52 -40.76
C SER E 136 14.15 38.79 -40.78
N PRO E 137 13.03 39.49 -40.98
CA PRO E 137 11.74 38.81 -41.10
C PRO E 137 11.52 38.17 -42.46
N ASP E 138 12.40 38.39 -43.42
CA ASP E 138 12.28 37.79 -44.75
C ASP E 138 12.88 36.39 -44.81
N ASN E 139 13.46 35.89 -43.72
CA ASN E 139 13.96 34.52 -43.70
C ASN E 139 12.83 33.50 -43.74
N TYR E 140 11.59 33.93 -43.51
CA TYR E 140 10.46 33.02 -43.45
C TYR E 140 9.52 33.15 -44.64
N GLY E 141 9.69 34.14 -45.50
CA GLY E 141 8.83 34.30 -46.64
C GLY E 141 9.15 33.33 -47.75
N ILE E 142 8.45 33.50 -48.86
CA ILE E 142 8.66 32.70 -50.06
C ILE E 142 8.78 33.63 -51.26
N GLY E 143 9.75 33.35 -52.12
CA GLY E 143 9.95 34.14 -53.32
C GLY E 143 10.24 35.61 -53.07
N ASN E 150 9.50 20.40 -44.37
CA ASN E 150 10.15 20.76 -45.62
C ASN E 150 9.11 21.15 -46.67
N GLY E 151 9.51 22.01 -47.60
CA GLY E 151 8.59 22.51 -48.61
C GLY E 151 8.15 21.45 -49.60
N THR E 152 6.88 21.06 -49.52
CA THR E 152 6.37 20.04 -50.44
C THR E 152 6.09 20.63 -51.82
N PRO E 153 5.26 21.67 -51.95
CA PRO E 153 5.10 22.28 -53.27
C PRO E 153 6.12 23.40 -53.49
N ASP E 154 6.00 24.04 -54.66
CA ASP E 154 6.89 25.16 -54.97
C ASP E 154 6.62 26.36 -54.07
N ASP E 155 5.34 26.70 -53.88
CA ASP E 155 4.95 27.85 -53.07
C ASP E 155 4.37 27.32 -51.76
N PHE E 156 5.13 27.46 -50.67
CA PHE E 156 4.76 26.92 -49.37
C PHE E 156 5.56 27.64 -48.30
N CYS E 157 4.88 28.35 -47.40
CA CYS E 157 5.54 29.17 -46.40
C CYS E 157 6.51 28.37 -45.55
N TRP E 158 7.79 28.73 -45.62
CA TRP E 158 8.85 27.99 -44.98
C TRP E 158 10.11 28.86 -45.00
N ILE E 159 11.14 28.39 -44.31
CA ILE E 159 12.42 29.10 -44.30
C ILE E 159 13.01 29.10 -45.71
N ASN E 160 13.53 30.26 -46.12
CA ASN E 160 14.11 30.39 -47.46
C ASN E 160 15.53 30.93 -47.47
N SER E 161 16.14 31.18 -46.32
CA SER E 161 17.48 31.74 -46.31
C SER E 161 18.53 30.69 -46.67
N ASN E 162 18.25 29.43 -46.41
CA ASN E 162 19.12 28.27 -46.65
C ASN E 162 20.31 28.23 -45.69
N VAL E 163 20.48 29.23 -44.83
CA VAL E 163 21.55 29.24 -43.85
C VAL E 163 21.04 28.95 -42.46
N VAL E 164 19.96 29.63 -42.03
CA VAL E 164 19.39 29.34 -40.74
C VAL E 164 18.66 28.01 -40.74
N PHE E 165 18.32 27.49 -41.93
CA PHE E 165 17.70 26.18 -42.00
C PHE E 165 18.62 25.09 -41.48
N TYR E 166 19.91 25.18 -41.82
CA TYR E 166 20.87 24.19 -41.33
C TYR E 166 21.16 24.40 -39.85
N ILE E 167 21.33 25.65 -39.42
CA ILE E 167 21.74 25.92 -38.04
C ILE E 167 20.60 25.60 -37.07
N THR E 168 19.38 26.03 -37.38
CA THR E 168 18.30 26.00 -36.41
C THR E 168 17.39 24.79 -36.53
N VAL E 169 17.36 24.10 -37.67
CA VAL E 169 16.51 22.93 -37.82
C VAL E 169 17.29 21.66 -38.10
N VAL E 170 18.52 21.74 -38.61
CA VAL E 170 19.30 20.53 -38.86
C VAL E 170 20.27 20.31 -37.71
N GLY E 171 21.08 21.32 -37.41
CA GLY E 171 22.03 21.18 -36.31
C GLY E 171 21.34 20.99 -34.97
N TYR E 172 20.26 21.75 -34.74
CA TYR E 172 19.46 21.56 -33.54
C TYR E 172 18.93 20.14 -33.47
N PHE E 173 18.33 19.66 -34.57
CA PHE E 173 17.86 18.29 -34.62
C PHE E 173 19.01 17.30 -34.53
N CYS E 174 20.18 17.64 -35.07
CA CYS E 174 21.32 16.73 -34.97
C CYS E 174 21.74 16.52 -33.52
N VAL E 175 21.81 17.61 -32.75
CA VAL E 175 22.16 17.48 -31.34
C VAL E 175 21.09 16.70 -30.58
N ILE E 176 19.82 17.02 -30.83
CA ILE E 176 18.74 16.30 -30.16
C ILE E 176 18.79 14.82 -30.50
N PHE E 177 19.06 14.50 -31.76
CA PHE E 177 19.10 13.12 -32.20
C PHE E 177 20.28 12.37 -31.58
N LEU E 178 21.43 13.05 -31.46
CA LEU E 178 22.57 12.41 -30.81
C LEU E 178 22.25 12.08 -29.36
N LEU E 179 21.65 13.03 -28.63
CA LEU E 179 21.28 12.75 -27.24
C LEU E 179 20.26 11.62 -27.15
N ASN E 180 19.25 11.65 -28.03
CA ASN E 180 18.20 10.64 -27.99
C ASN E 180 18.76 9.26 -28.30
N VAL E 181 19.64 9.16 -29.30
CA VAL E 181 20.22 7.86 -29.65
C VAL E 181 21.12 7.36 -28.55
N SER E 182 21.92 8.23 -27.94
CA SER E 182 22.77 7.80 -26.85
C SER E 182 21.95 7.26 -25.68
N MET E 183 20.88 7.96 -25.32
CA MET E 183 20.07 7.48 -24.21
C MET E 183 19.29 6.23 -24.59
N PHE E 184 18.89 6.11 -25.85
CA PHE E 184 18.24 4.89 -26.31
C PHE E 184 19.18 3.70 -26.18
N ILE E 185 20.44 3.87 -26.56
CA ILE E 185 21.43 2.81 -26.42
C ILE E 185 21.64 2.48 -24.94
N VAL E 186 21.68 3.50 -24.08
CA VAL E 186 21.87 3.26 -22.65
C VAL E 186 20.71 2.43 -22.09
N VAL E 187 19.48 2.80 -22.45
CA VAL E 187 18.31 2.07 -21.97
C VAL E 187 18.33 0.64 -22.47
N LEU E 188 18.67 0.45 -23.75
CA LEU E 188 18.72 -0.91 -24.30
C LEU E 188 19.79 -1.74 -23.62
N VAL E 189 20.94 -1.14 -23.32
CA VAL E 189 22.02 -1.87 -22.65
C VAL E 189 21.58 -2.30 -21.26
N GLN E 190 20.97 -1.39 -20.50
CA GLN E 190 20.50 -1.75 -19.18
C GLN E 190 19.42 -2.82 -19.24
N LEU E 191 18.51 -2.71 -20.21
CA LEU E 191 17.45 -3.70 -20.35
C LEU E 191 18.01 -5.08 -20.68
N CYS E 192 19.02 -5.13 -21.57
CA CYS E 192 19.65 -6.41 -21.88
C CYS E 192 20.41 -6.96 -20.69
N ARG E 193 21.03 -6.09 -19.90
CA ARG E 193 21.68 -6.55 -18.67
C ARG E 193 20.67 -7.17 -17.71
N ILE E 194 19.50 -6.56 -17.57
CA ILE E 194 18.46 -7.14 -16.74
C ILE E 194 17.97 -8.46 -17.29
N LYS E 195 17.79 -8.55 -18.62
CA LYS E 195 17.29 -9.78 -19.21
C LYS E 195 18.26 -10.94 -19.09
N LYS E 196 19.56 -10.66 -18.90
CA LYS E 196 20.58 -11.70 -18.79
C LYS E 196 20.94 -12.01 -17.35
N LYS E 197 20.06 -11.71 -16.40
CA LYS E 197 20.36 -11.96 -15.00
C LYS E 197 20.49 -13.44 -14.71
N LYS E 198 19.52 -14.24 -15.16
CA LYS E 198 19.51 -15.69 -14.97
C LYS E 198 19.66 -16.04 -13.49
N GLN E 199 18.67 -15.62 -12.70
CA GLN E 199 18.70 -15.86 -11.27
C GLN E 199 18.68 -17.35 -10.96
N LEU E 200 17.81 -18.10 -11.62
CA LEU E 200 17.72 -19.53 -11.40
C LEU E 200 17.65 -20.35 -12.69
N GLY E 201 17.42 -19.72 -13.84
CA GLY E 201 17.38 -20.44 -15.10
C GLY E 201 16.29 -19.95 -16.04
N ALA E 202 16.67 -19.69 -17.29
CA ALA E 202 15.74 -19.24 -18.34
C ALA E 202 14.95 -18.02 -17.88
N GLN E 203 15.66 -17.07 -17.30
CA GLN E 203 15.03 -15.88 -16.73
C GLN E 203 14.62 -14.91 -17.85
N ARG E 204 13.43 -14.32 -17.68
CA ARG E 204 12.91 -13.28 -18.56
C ARG E 204 12.83 -13.76 -20.01
N LYS E 205 11.98 -14.76 -20.24
CA LYS E 205 11.71 -15.21 -21.59
C LYS E 205 11.05 -14.10 -22.39
N THR E 206 11.47 -13.96 -23.65
CA THR E 206 10.97 -12.88 -24.50
C THR E 206 9.46 -13.01 -24.70
N SER E 207 8.74 -11.91 -24.46
CA SER E 207 7.30 -11.88 -24.66
C SER E 207 6.92 -10.68 -25.52
N ILE E 208 5.65 -10.58 -25.90
CA ILE E 208 5.22 -9.50 -26.79
C ILE E 208 5.23 -8.14 -26.11
N GLN E 209 5.22 -8.11 -24.78
CA GLN E 209 5.23 -6.83 -24.07
C GLN E 209 6.55 -6.09 -24.27
N ASP E 210 7.67 -6.82 -24.27
CA ASP E 210 8.97 -6.17 -24.33
C ASP E 210 9.20 -5.47 -25.66
N LEU E 211 8.89 -6.14 -26.79
CA LEU E 211 9.07 -5.47 -28.07
C LEU E 211 8.08 -4.33 -28.26
N ARG E 212 6.87 -4.45 -27.71
CA ARG E 212 5.93 -3.35 -27.76
C ARG E 212 6.48 -2.13 -27.02
N SER E 213 7.05 -2.35 -25.83
CA SER E 213 7.64 -1.25 -25.08
C SER E 213 8.84 -0.67 -25.82
N ILE E 214 9.65 -1.52 -26.45
CA ILE E 214 10.80 -1.02 -27.21
C ILE E 214 10.35 -0.16 -28.37
N ALA E 215 9.32 -0.58 -29.09
CA ALA E 215 8.81 0.22 -30.20
C ALA E 215 8.23 1.54 -29.70
N GLY E 216 7.49 1.50 -28.58
CA GLY E 216 7.00 2.74 -28.01
C GLY E 216 8.11 3.68 -27.61
N LEU E 217 9.21 3.13 -27.07
CA LEU E 217 10.36 3.96 -26.74
C LEU E 217 10.99 4.55 -27.99
N THR E 218 11.09 3.76 -29.05
CA THR E 218 11.68 4.25 -30.29
C THR E 218 10.87 5.42 -30.85
N PHE E 219 9.55 5.29 -30.86
CA PHE E 219 8.72 6.37 -31.39
C PHE E 219 8.65 7.55 -30.42
N LEU E 220 8.82 7.30 -29.12
CA LEU E 220 8.79 8.39 -28.15
C LEU E 220 10.07 9.20 -28.18
N LEU E 221 11.21 8.54 -28.39
CA LEU E 221 12.50 9.21 -28.46
C LEU E 221 12.80 9.80 -29.83
N GLY E 222 11.93 9.57 -30.81
CA GLY E 222 12.14 10.11 -32.14
C GLY E 222 13.34 9.53 -32.86
N ILE E 223 13.64 8.25 -32.66
CA ILE E 223 14.72 7.62 -33.41
C ILE E 223 14.36 7.51 -34.89
N THR E 224 13.07 7.42 -35.21
CA THR E 224 12.63 7.29 -36.58
C THR E 224 12.93 8.52 -37.43
N TRP E 225 13.30 9.64 -36.81
CA TRP E 225 13.75 10.79 -37.58
C TRP E 225 15.11 10.56 -38.21
N GLY E 226 15.87 9.55 -37.76
CA GLY E 226 17.16 9.26 -38.35
C GLY E 226 17.09 8.96 -39.83
N PHE E 227 15.97 8.41 -40.31
CA PHE E 227 15.79 8.17 -41.73
C PHE E 227 15.96 9.44 -42.56
N ALA E 228 15.92 10.61 -41.93
CA ALA E 228 16.18 11.85 -42.66
C ALA E 228 17.58 11.84 -43.26
N PHE E 229 18.58 11.37 -42.52
CA PHE E 229 19.96 11.43 -42.97
C PHE E 229 20.15 10.70 -44.28
N PHE E 230 19.58 9.50 -44.40
CA PHE E 230 19.63 8.79 -45.67
C PHE E 230 18.75 9.45 -46.72
N ALA E 231 17.61 10.01 -46.29
CA ALA E 231 16.68 10.60 -47.25
C ALA E 231 17.20 11.90 -47.85
N TRP E 232 18.16 12.52 -47.18
CA TRP E 232 18.72 13.78 -47.66
C TRP E 232 20.24 13.65 -47.78
N GLY E 233 20.73 13.61 -49.01
CA GLY E 233 22.16 13.47 -49.24
C GLY E 233 22.56 13.52 -50.70
N VAL E 235 17.41 10.73 -54.06
CA VAL E 235 18.37 9.96 -53.30
C VAL E 235 17.67 8.98 -52.36
N ASN E 236 17.77 7.69 -52.68
CA ASN E 236 17.16 6.62 -51.88
C ASN E 236 15.66 6.86 -51.72
N VAL E 237 14.96 6.72 -52.85
CA VAL E 237 13.53 7.03 -52.89
C VAL E 237 12.77 6.20 -51.88
N THR E 238 13.12 4.92 -51.74
CA THR E 238 12.46 4.08 -50.75
C THR E 238 12.71 4.60 -49.33
N PHE E 239 13.92 5.06 -49.06
CA PHE E 239 14.21 5.64 -47.75
C PHE E 239 13.40 6.90 -47.51
N MET E 240 13.18 7.69 -48.57
CA MET E 240 12.35 8.88 -48.44
C MET E 240 10.91 8.52 -48.04
N TYR E 241 10.35 7.50 -48.70
CA TYR E 241 9.01 7.04 -48.35
C TYR E 241 8.98 6.51 -46.92
N LEU E 242 10.01 5.77 -46.52
CA LEU E 242 10.06 5.24 -45.16
C LEU E 242 10.10 6.37 -44.14
N PHE E 243 10.91 7.39 -44.39
CA PHE E 243 10.99 8.55 -43.52
C PHE E 243 9.64 9.23 -43.39
N ALA E 244 9.00 9.51 -44.53
CA ALA E 244 7.70 10.19 -44.51
C ALA E 244 6.66 9.36 -43.77
N ILE E 245 6.61 8.05 -44.04
CA ILE E 245 5.62 7.19 -43.42
C ILE E 245 5.84 7.09 -41.91
N PHE E 246 7.07 6.91 -41.45
CA PHE E 246 7.31 6.67 -40.04
C PHE E 246 7.45 7.94 -39.22
N ASN E 247 7.52 9.12 -39.85
CA ASN E 247 7.52 10.34 -39.08
C ASN E 247 6.24 11.16 -39.21
N THR E 248 5.44 10.92 -40.26
CA THR E 248 4.17 11.62 -40.37
C THR E 248 3.17 11.12 -39.35
N LEU E 249 3.08 9.81 -39.17
CA LEU E 249 2.17 9.21 -38.20
C LEU E 249 2.87 8.79 -36.92
N GLN E 250 3.87 9.57 -36.48
CA GLN E 250 4.52 9.31 -35.21
C GLN E 250 3.54 9.46 -34.05
N GLY E 251 2.69 10.50 -34.10
CA GLY E 251 1.69 10.66 -33.06
C GLY E 251 0.70 9.52 -33.01
N PHE E 252 0.37 8.94 -34.16
CA PHE E 252 -0.52 7.77 -34.19
C PHE E 252 0.09 6.61 -33.41
N PHE E 253 1.37 6.35 -33.63
CA PHE E 253 2.02 5.25 -32.91
C PHE E 253 2.23 5.60 -31.45
N ILE E 254 2.42 6.87 -31.12
CA ILE E 254 2.49 7.28 -29.72
C ILE E 254 1.15 6.98 -29.03
N PHE E 255 0.04 7.29 -29.71
CA PHE E 255 -1.27 6.95 -29.16
C PHE E 255 -1.41 5.45 -28.99
N ILE E 256 -0.97 4.68 -29.98
CA ILE E 256 -1.13 3.22 -29.90
C ILE E 256 -0.34 2.67 -28.71
N PHE E 257 0.92 3.10 -28.56
CA PHE E 257 1.82 2.49 -27.60
C PHE E 257 1.71 3.07 -26.20
N TYR E 258 1.11 4.25 -26.03
CA TYR E 258 1.04 4.88 -24.73
C TYR E 258 -0.36 5.26 -24.30
N CYS E 259 -1.37 5.06 -25.14
CA CYS E 259 -2.76 5.23 -24.73
C CYS E 259 -3.55 3.94 -24.84
N ALA E 260 -3.56 3.31 -26.02
CA ALA E 260 -4.31 2.07 -26.19
C ALA E 260 -3.59 0.87 -25.57
N ALA E 261 -2.26 0.86 -25.60
CA ALA E 261 -1.52 -0.30 -25.11
C ALA E 261 -1.61 -0.41 -23.59
N LYS E 262 -1.62 0.73 -22.89
CA LYS E 262 -1.66 0.69 -21.44
C LYS E 262 -2.98 0.15 -20.94
N GLU E 263 -2.91 -0.72 -19.92
CA GLU E 263 -4.12 -1.32 -19.36
C GLU E 263 -4.88 -0.36 -18.46
N ASN E 264 -4.18 0.50 -17.71
CA ASN E 264 -4.86 1.44 -16.83
C ASN E 264 -5.69 2.45 -17.61
N VAL E 265 -5.17 2.91 -18.75
CA VAL E 265 -5.93 3.86 -19.58
C VAL E 265 -7.21 3.21 -20.10
N ARG E 266 -7.11 1.96 -20.56
CA ARG E 266 -8.30 1.25 -21.02
C ARG E 266 -9.28 1.03 -19.87
N LYS E 267 -8.77 0.76 -18.67
CA LYS E 267 -9.65 0.63 -17.51
C LYS E 267 -10.38 1.94 -17.23
N GLN E 268 -9.68 3.06 -17.35
CA GLN E 268 -10.32 4.36 -17.17
C GLN E 268 -11.37 4.62 -18.25
N TRP E 269 -11.13 4.12 -19.47
CA TRP E 269 -12.10 4.30 -20.54
C TRP E 269 -13.42 3.60 -20.22
N ARG E 270 -13.34 2.41 -19.63
CA ARG E 270 -14.54 1.66 -19.26
C ARG E 270 -15.17 2.22 -18.00
C1 AND F . 8.48 16.25 -42.02
C2 AND F . 7.86 16.06 -40.64
C3 AND F . 6.41 16.49 -40.62
O3 AND F . 5.87 16.23 -39.33
C4 AND F . 5.59 15.74 -41.68
C5 AND F . 6.21 15.86 -43.08
C6 AND F . 5.57 16.95 -44.19
C7 AND F . 6.01 16.81 -45.62
C8 AND F . 7.35 15.89 -45.78
C9 AND F . 8.31 16.06 -44.59
C10 AND F . 7.68 15.58 -43.16
C11 AND F . 9.64 15.35 -44.81
C12 AND F . 10.31 15.65 -46.28
C13 AND F . 9.37 15.50 -47.37
C14 AND F . 8.01 16.23 -47.11
C15 AND F . 7.19 16.07 -48.57
C16 AND F . 8.47 15.93 -49.76
C17 AND F . 9.78 15.93 -48.92
O17 AND F . 10.86 16.18 -49.32
C18 AND F . 9.06 14.01 -47.45
C19 AND F . 7.85 14.07 -43.05
#